data_8SMM
#
_entry.id   8SMM
#
_cell.length_a   1.00
_cell.length_b   1.00
_cell.length_c   1.00
_cell.angle_alpha   90.00
_cell.angle_beta   90.00
_cell.angle_gamma   90.00
#
_symmetry.space_group_name_H-M   'P 1'
#
loop_
_entity.id
_entity.type
_entity.pdbx_description
1 polymer 'Hyaluronan synthase 1'
2 polymer 'Fab15 heavy chain'
3 polymer 'Fab15 light chain'
#
loop_
_entity_poly.entity_id
_entity_poly.type
_entity_poly.pdbx_seq_one_letter_code
_entity_poly.pdbx_strand_id
1 'polypeptide(L)'
;MHHHHHHHHHHHHMKEKAAETMEIPEGIPKDLEPKHPTLWRIIYYSFGVVLLATITAAYVAEFQVLKHEAILFSLGLYGL
AMLLHLMMQSLFAFLEIRRVNKSELPCSFKKTVALTIAGYQENPEYLIKCLESCKYVKYPKDKLKIILVIDGNTEDDAYM
MEMFKDVFHGEDVGTYVWKGNYHTVKKPEETNKGSCPEVSKPLNEDEGINMVEELVRNKRCVCIMQQWGGKREVMYTAFQ
AIGTSVDYVQVCDSDTKLDELATVEMVKVLESNDMYGAVGGDVRILNPYDSFISFMSSLRYWMAFNVERACQSYFDCVSC
ISGPLGMYRNNILQVFLEAWYRQKFLGTYCTLGDDRHLTNRVLSMGYRTKYTHKSRAFSETPSLYLRWLNQQTRWTKSYF
REWLYNAQWWHKHHIWMTYESVVSFIFPFFITATVIRLIYAGTIWNVVWLLLCIQIMSLFKSIYACWLRGNFIMLLMSLY
SMLYMTGLLPSKYFALLTLNKTGWGTSGRKKIVGNYMPILPLSIWAAVLCGGVGYSIYMDCQNDWSTPEKQKEMYHLLYG
CVGYVMYWVIMAVMYWVWVKRCCRKRSQTVTLVHDIPDMCV
;
A
2 'polypeptide(L)'
;EISEVQLVESGGGLVQPGGSLRLSCAASGFNVSSYYIHWVRQAPGKGLEWVASISSSSGSTSYADSVKGRFTISADTSKN
TAYLQMNSLRAEDTAVYYCARSGYYWGPYFGGFDYWGQGTLVTVSSASTKGPSVFPLAPSSKSTSGGTAALGCLVKDYFP
EPVTVSWNSGALTSGVHTFPAVLQSSGLYSLSSVVTVPSSSLGTQTYICNVNHKPSNTKVDKKVEPKSCDKTHT
;
H
3 'polypeptide(L)'
;SDIQMTQSPSSLSASVGDRVTITCRASQSVSSAVAWYQQKPGKAPKLLIYSASSLYSGVPSRFSGSRSGTDFTLTISSLQ
PEDFATYYCQQSSSSLITFGQGTKVEIKRTVAAPSVFIFPPSDSQLKSGTASVVCLLNNFYPREAKVQWKVDNALQSGNS
QESVTEQDSKDSTYSLSSTLTLSKADYEKHKVYACEVTHQGLSSPVTKSFNRGEC
;
L
#
# COMPACT_ATOMS: atom_id res chain seq x y z
N ILE A 28 12.99 6.32 -14.69
CA ILE A 28 12.55 5.89 -16.02
C ILE A 28 11.14 6.40 -16.37
N PRO A 29 10.14 6.21 -15.50
CA PRO A 29 8.81 6.72 -15.83
C PRO A 29 8.78 8.24 -15.91
N LYS A 30 7.94 8.75 -16.80
CA LYS A 30 7.78 10.19 -17.00
C LYS A 30 6.29 10.50 -17.15
N ASP A 31 5.99 11.79 -17.23
CA ASP A 31 4.61 12.21 -17.46
C ASP A 31 4.15 11.77 -18.85
N LEU A 32 2.89 11.33 -18.92
CA LEU A 32 2.33 10.81 -20.16
C LEU A 32 1.22 11.71 -20.66
N GLU A 33 1.12 11.80 -21.98
CA GLU A 33 0.10 12.58 -22.67
C GLU A 33 -0.50 11.75 -23.78
N PRO A 34 -1.76 12.01 -24.15
CA PRO A 34 -2.38 11.26 -25.26
C PRO A 34 -1.70 11.59 -26.59
N LYS A 35 -2.10 10.83 -27.61
CA LYS A 35 -1.52 11.00 -28.94
C LYS A 35 -1.83 12.39 -29.49
N HIS A 36 -3.04 12.87 -29.28
CA HIS A 36 -3.47 14.21 -29.72
C HIS A 36 -4.00 14.94 -28.49
N PRO A 37 -3.12 15.54 -27.68
CA PRO A 37 -3.59 16.20 -26.45
C PRO A 37 -4.59 17.32 -26.71
N THR A 38 -4.41 18.11 -27.78
CA THR A 38 -5.29 19.24 -28.01
C THR A 38 -6.71 18.79 -28.36
N LEU A 39 -6.84 17.79 -29.24
CA LEU A 39 -8.16 17.34 -29.66
C LEU A 39 -8.95 16.78 -28.49
N TRP A 40 -8.33 15.89 -27.71
CA TRP A 40 -9.02 15.28 -26.58
C TRP A 40 -9.34 16.32 -25.50
N ARG A 41 -8.40 17.23 -25.25
CA ARG A 41 -8.66 18.32 -24.27
C ARG A 41 -9.91 19.07 -24.71
N ILE A 42 -9.92 19.56 -25.96
CA ILE A 42 -11.03 20.36 -26.45
C ILE A 42 -12.33 19.56 -26.36
N ILE A 43 -12.29 18.28 -26.73
CA ILE A 43 -13.49 17.45 -26.68
C ILE A 43 -14.01 17.34 -25.25
N TYR A 44 -13.11 17.12 -24.30
CA TYR A 44 -13.53 16.93 -22.91
C TYR A 44 -14.08 18.23 -22.32
N TYR A 45 -13.41 19.36 -22.56
CA TYR A 45 -13.93 20.63 -22.07
C TYR A 45 -15.28 20.96 -22.71
N SER A 46 -15.43 20.70 -24.01
CA SER A 46 -16.70 20.93 -24.68
C SER A 46 -17.80 20.05 -24.08
N PHE A 47 -17.48 18.78 -23.80
CA PHE A 47 -18.46 17.88 -23.21
C PHE A 47 -18.88 18.37 -21.82
N GLY A 48 -17.91 18.79 -21.01
CA GLY A 48 -18.24 19.30 -19.69
C GLY A 48 -19.09 20.55 -19.73
N VAL A 49 -18.73 21.49 -20.60
CA VAL A 49 -19.49 22.73 -20.73
C VAL A 49 -20.90 22.43 -21.23
N VAL A 50 -21.03 21.53 -22.20
CA VAL A 50 -22.35 21.18 -22.73
C VAL A 50 -23.20 20.52 -21.65
N LEU A 51 -22.60 19.62 -20.86
CA LEU A 51 -23.35 18.97 -19.80
C LEU A 51 -23.83 19.98 -18.76
N LEU A 52 -22.96 20.89 -18.34
CA LEU A 52 -23.35 21.88 -17.35
C LEU A 52 -24.45 22.79 -17.90
N ALA A 53 -24.31 23.23 -19.15
CA ALA A 53 -25.32 24.09 -19.76
C ALA A 53 -26.64 23.36 -19.93
N THR A 54 -26.59 22.07 -20.28
CA THR A 54 -27.81 21.29 -20.41
C THR A 54 -28.53 21.13 -19.07
N ILE A 55 -27.78 20.88 -18.00
CA ILE A 55 -28.39 20.75 -16.68
C ILE A 55 -29.01 22.09 -16.27
N THR A 56 -28.29 23.19 -16.47
CA THR A 56 -28.81 24.50 -16.13
C THR A 56 -30.07 24.83 -16.94
N ALA A 57 -30.06 24.42 -18.21
CA ALA A 57 -31.24 24.64 -19.06
C ALA A 57 -32.45 23.94 -18.43
N ALA A 58 -32.36 22.64 -18.13
CA ALA A 58 -33.56 21.92 -17.66
C ALA A 58 -34.06 22.53 -16.35
N TYR A 59 -33.19 22.86 -15.40
CA TYR A 59 -33.73 23.39 -14.12
C TYR A 59 -34.45 24.71 -14.39
N VAL A 60 -33.84 25.59 -15.20
CA VAL A 60 -34.49 26.87 -15.59
C VAL A 60 -35.74 26.57 -16.43
N ALA A 61 -35.64 25.60 -17.34
CA ALA A 61 -36.81 25.22 -18.16
C ALA A 61 -37.89 24.71 -17.21
N GLU A 62 -37.49 23.97 -16.18
CA GLU A 62 -38.47 23.39 -15.24
C GLU A 62 -39.22 24.55 -14.60
N PHE A 63 -38.52 25.62 -14.21
CA PHE A 63 -39.25 26.70 -13.51
C PHE A 63 -40.29 27.33 -14.43
N GLN A 64 -39.93 27.60 -15.69
CA GLN A 64 -40.94 28.13 -16.66
C GLN A 64 -42.04 27.10 -16.97
N VAL A 65 -41.67 25.84 -17.23
CA VAL A 65 -42.68 24.82 -17.65
C VAL A 65 -43.65 24.49 -16.50
N LEU A 66 -43.14 24.35 -15.27
CA LEU A 66 -44.00 23.95 -14.12
C LEU A 66 -43.65 24.80 -12.89
N LYS A 67 -44.65 25.07 -12.05
CA LYS A 67 -44.42 25.86 -10.81
C LYS A 67 -44.69 24.96 -9.61
N HIS A 68 -45.26 25.50 -8.54
CA HIS A 68 -45.62 24.71 -7.34
C HIS A 68 -46.75 23.76 -7.74
N GLU A 69 -47.39 24.02 -8.89
CA GLU A 69 -48.58 23.24 -9.31
C GLU A 69 -48.22 21.76 -9.44
N ALA A 70 -47.04 21.42 -9.97
CA ALA A 70 -46.74 19.99 -10.19
C ALA A 70 -45.39 19.64 -9.57
N ILE A 71 -45.34 19.58 -8.22
CA ILE A 71 -44.08 19.24 -7.51
C ILE A 71 -43.66 17.81 -7.85
N LEU A 72 -44.60 16.87 -7.94
CA LEU A 72 -44.21 15.46 -8.17
C LEU A 72 -43.50 15.36 -9.51
N PHE A 73 -44.02 16.05 -10.54
CA PHE A 73 -43.34 16.08 -11.86
C PHE A 73 -41.98 16.78 -11.70
N SER A 74 -41.95 17.87 -10.91
CA SER A 74 -40.70 18.66 -10.75
C SER A 74 -39.61 17.81 -10.09
N LEU A 75 -39.99 17.00 -9.09
CA LEU A 75 -39.00 16.17 -8.36
C LEU A 75 -38.77 14.86 -9.13
N GLY A 76 -39.84 14.12 -9.40
CA GLY A 76 -39.68 12.80 -10.03
C GLY A 76 -38.69 12.83 -11.18
N LEU A 77 -38.73 13.85 -12.02
CA LEU A 77 -37.84 13.85 -13.22
C LEU A 77 -36.40 13.69 -12.71
N TYR A 78 -36.06 14.41 -11.66
CA TYR A 78 -34.73 14.37 -11.07
C TYR A 78 -34.45 13.01 -10.44
N GLY A 79 -35.47 12.42 -9.79
CA GLY A 79 -35.28 11.10 -9.22
C GLY A 79 -34.95 10.06 -10.27
N LEU A 80 -35.63 10.10 -11.41
CA LEU A 80 -35.31 9.20 -12.51
C LEU A 80 -33.92 9.48 -13.06
N ALA A 81 -33.49 10.75 -13.05
CA ALA A 81 -32.13 11.07 -13.47
C ALA A 81 -31.10 10.38 -12.57
N MET A 82 -31.24 10.56 -11.27
CA MET A 82 -30.32 9.90 -10.31
C MET A 82 -30.42 8.38 -10.52
N LEU A 83 -31.63 7.85 -10.66
CA LEU A 83 -31.80 6.41 -10.80
C LEU A 83 -31.08 5.89 -12.05
N LEU A 84 -31.16 6.62 -13.16
CA LEU A 84 -30.45 6.23 -14.36
C LEU A 84 -28.94 6.27 -14.14
N HIS A 85 -28.45 7.31 -13.45
CA HIS A 85 -27.03 7.36 -13.13
C HIS A 85 -26.62 6.17 -12.27
N LEU A 86 -27.44 5.83 -11.27
CA LEU A 86 -27.14 4.69 -10.41
C LEU A 86 -27.14 3.38 -11.19
N MET A 87 -28.10 3.21 -12.10
CA MET A 87 -28.13 1.99 -12.91
C MET A 87 -26.90 1.90 -13.83
N MET A 88 -26.48 3.03 -14.40
CA MET A 88 -25.27 3.02 -15.23
C MET A 88 -24.05 2.63 -14.40
N GLN A 89 -23.92 3.21 -13.20
CA GLN A 89 -22.80 2.87 -12.33
C GLN A 89 -22.86 1.40 -11.92
N SER A 90 -24.05 0.90 -11.60
CA SER A 90 -24.19 -0.49 -11.19
C SER A 90 -23.84 -1.45 -12.32
N LEU A 91 -24.26 -1.13 -13.54
CA LEU A 91 -23.93 -1.98 -14.68
C LEU A 91 -22.44 -1.99 -14.93
N PHE A 92 -21.81 -0.82 -14.92
CA PHE A 92 -20.37 -0.76 -15.17
C PHE A 92 -19.55 -1.35 -14.02
N ALA A 93 -20.11 -1.43 -12.81
CA ALA A 93 -19.45 -2.10 -11.70
C ALA A 93 -19.62 -3.61 -11.78
N PHE A 94 -20.82 -4.08 -12.12
CA PHE A 94 -21.06 -5.51 -12.25
C PHE A 94 -20.25 -6.11 -13.39
N LEU A 95 -20.13 -5.38 -14.51
CA LEU A 95 -19.30 -5.86 -15.61
C LEU A 95 -17.85 -6.01 -15.18
N GLU A 96 -17.31 -5.02 -14.47
CA GLU A 96 -15.93 -5.11 -14.00
C GLU A 96 -15.75 -6.25 -13.01
N ILE A 97 -16.71 -6.43 -12.10
CA ILE A 97 -16.62 -7.51 -11.11
C ILE A 97 -16.63 -8.86 -11.81
N ARG A 98 -17.53 -9.05 -12.78
CA ARG A 98 -17.58 -10.31 -13.52
C ARG A 98 -16.31 -10.54 -14.31
N ARG A 99 -15.77 -9.48 -14.92
CA ARG A 99 -14.53 -9.62 -15.68
C ARG A 99 -13.37 -10.02 -14.78
N VAL A 100 -13.26 -9.40 -13.61
CA VAL A 100 -12.13 -9.72 -12.71
C VAL A 100 -12.32 -11.09 -12.07
N ASN A 101 -13.56 -11.54 -11.90
CA ASN A 101 -13.79 -12.87 -11.36
C ASN A 101 -13.50 -13.95 -12.40
N LYS A 102 -13.92 -13.74 -13.64
CA LYS A 102 -13.69 -14.74 -14.68
C LYS A 102 -12.22 -14.84 -15.03
N SER A 103 -11.53 -13.71 -15.12
CA SER A 103 -10.12 -13.72 -15.51
C SER A 103 -9.28 -14.38 -14.41
N GLU A 104 -8.31 -15.18 -14.84
CA GLU A 104 -7.41 -15.88 -13.94
C GLU A 104 -5.97 -15.66 -14.40
N LEU A 105 -5.07 -15.48 -13.43
CA LEU A 105 -3.65 -15.29 -13.72
C LEU A 105 -2.82 -15.75 -12.54
N PRO A 106 -2.16 -16.90 -12.64
CA PRO A 106 -1.33 -17.38 -11.52
C PRO A 106 -0.23 -16.40 -11.18
N CYS A 107 0.07 -16.28 -9.89
CA CYS A 107 1.09 -15.36 -9.42
C CYS A 107 2.48 -15.93 -9.68
N SER A 108 3.34 -15.12 -10.29
CA SER A 108 4.72 -15.54 -10.53
C SER A 108 5.57 -15.46 -9.27
N PHE A 109 5.18 -14.63 -8.30
CA PHE A 109 5.92 -14.45 -7.05
C PHE A 109 7.37 -14.04 -7.30
N LYS A 110 7.57 -13.16 -8.30
CA LYS A 110 8.88 -12.63 -8.62
C LYS A 110 9.00 -11.14 -8.33
N LYS A 111 7.99 -10.53 -7.71
CA LYS A 111 7.98 -9.10 -7.42
C LYS A 111 7.96 -8.88 -5.92
N THR A 112 8.89 -8.08 -5.42
CA THR A 112 8.97 -7.77 -4.01
C THR A 112 7.91 -6.74 -3.62
N VAL A 113 7.47 -6.82 -2.36
CA VAL A 113 6.47 -5.90 -1.82
C VAL A 113 6.96 -5.38 -0.49
N ALA A 114 6.92 -4.05 -0.32
CA ALA A 114 7.33 -3.40 0.91
C ALA A 114 6.12 -2.79 1.59
N LEU A 115 5.81 -3.27 2.79
CA LEU A 115 4.67 -2.78 3.57
C LEU A 115 5.16 -1.68 4.50
N THR A 116 4.67 -0.45 4.28
CA THR A 116 5.05 0.71 5.07
C THR A 116 3.89 1.08 6.00
N ILE A 117 4.19 1.15 7.29
CA ILE A 117 3.18 1.41 8.32
C ILE A 117 3.58 2.67 9.08
N ALA A 118 2.57 3.46 9.47
CA ALA A 118 2.76 4.71 10.20
C ALA A 118 2.23 4.56 11.62
N GLY A 119 2.95 5.14 12.56
CA GLY A 119 2.57 5.06 13.96
C GLY A 119 2.64 6.40 14.67
N TYR A 120 1.58 6.71 15.42
CA TYR A 120 1.54 7.90 16.25
C TYR A 120 0.66 7.59 17.47
N GLN A 121 1.31 7.15 18.55
CA GLN A 121 0.65 6.85 19.82
C GLN A 121 -0.56 5.92 19.62
N GLU A 122 -0.30 4.77 18.98
CA GLU A 122 -1.36 3.81 18.71
C GLU A 122 -1.60 2.91 19.92
N ASN A 123 -2.83 2.40 20.02
CA ASN A 123 -3.17 1.47 21.10
C ASN A 123 -2.39 0.17 20.91
N PRO A 124 -1.85 -0.41 21.99
CA PRO A 124 -1.04 -1.63 21.83
C PRO A 124 -1.79 -2.81 21.21
N GLU A 125 -3.07 -2.98 21.55
CA GLU A 125 -3.81 -4.14 21.02
C GLU A 125 -4.02 -4.03 19.52
N TYR A 126 -4.48 -2.87 19.06
CA TYR A 126 -4.71 -2.67 17.63
C TYR A 126 -3.40 -2.77 16.86
N LEU A 127 -2.33 -2.19 17.39
CA LEU A 127 -1.04 -2.26 16.72
C LEU A 127 -0.52 -3.68 16.64
N ILE A 128 -0.66 -4.46 17.73
CA ILE A 128 -0.17 -5.83 17.70
C ILE A 128 -1.01 -6.69 16.75
N LYS A 129 -2.32 -6.41 16.68
CA LYS A 129 -3.15 -7.11 15.70
C LYS A 129 -2.71 -6.79 14.28
N CYS A 130 -2.43 -5.51 14.00
CA CYS A 130 -1.95 -5.13 12.68
C CYS A 130 -0.62 -5.78 12.35
N LEU A 131 0.30 -5.82 13.33
CA LEU A 131 1.59 -6.45 13.10
C LEU A 131 1.46 -7.94 12.84
N GLU A 132 0.59 -8.62 13.59
CA GLU A 132 0.37 -10.04 13.36
C GLU A 132 -0.24 -10.28 11.98
N SER A 133 -1.20 -9.44 11.57
CA SER A 133 -1.79 -9.60 10.24
C SER A 133 -0.74 -9.38 9.15
N CYS A 134 0.13 -8.38 9.33
CA CYS A 134 1.18 -8.13 8.35
C CYS A 134 2.23 -9.24 8.33
N LYS A 135 2.46 -9.90 9.47
CA LYS A 135 3.42 -10.99 9.52
C LYS A 135 2.83 -12.31 9.06
N TYR A 136 1.50 -12.42 8.97
CA TYR A 136 0.85 -13.66 8.55
C TYR A 136 0.28 -13.57 7.14
N VAL A 137 0.87 -12.73 6.28
CA VAL A 137 0.40 -12.63 4.90
C VAL A 137 0.88 -13.85 4.10
N LYS A 138 0.06 -14.26 3.14
CA LYS A 138 0.38 -15.43 2.31
C LYS A 138 1.57 -15.18 1.39
N TYR A 139 1.99 -13.93 1.23
CA TYR A 139 3.11 -13.62 0.34
C TYR A 139 4.40 -14.27 0.86
N PRO A 140 5.30 -14.65 -0.05
CA PRO A 140 6.56 -15.28 0.39
C PRO A 140 7.37 -14.37 1.28
N LYS A 141 8.09 -14.99 2.23
CA LYS A 141 8.88 -14.23 3.19
C LYS A 141 10.01 -13.47 2.51
N ASP A 142 10.67 -14.10 1.53
CA ASP A 142 11.82 -13.48 0.87
C ASP A 142 11.43 -12.33 -0.04
N LYS A 143 10.14 -12.15 -0.33
CA LYS A 143 9.68 -11.08 -1.20
C LYS A 143 8.82 -10.06 -0.46
N LEU A 144 8.89 -10.04 0.87
CA LEU A 144 8.06 -9.14 1.69
C LEU A 144 8.95 -8.42 2.68
N LYS A 145 9.11 -7.12 2.50
CA LYS A 145 9.80 -6.25 3.43
C LYS A 145 8.78 -5.48 4.27
N ILE A 146 9.14 -5.18 5.51
CA ILE A 146 8.25 -4.50 6.44
C ILE A 146 8.99 -3.32 7.07
N ILE A 147 8.40 -2.13 6.99
CA ILE A 147 8.96 -0.91 7.56
C ILE A 147 7.87 -0.23 8.37
N LEU A 148 8.20 0.18 9.59
CA LEU A 148 7.29 0.91 10.46
C LEU A 148 7.96 2.19 10.93
N VAL A 149 7.34 3.32 10.66
CA VAL A 149 7.88 4.63 11.00
C VAL A 149 6.99 5.27 12.05
N ILE A 150 7.59 5.74 13.14
CA ILE A 150 6.88 6.21 14.32
C ILE A 150 7.21 7.69 14.54
N ASP A 151 6.19 8.47 14.89
CA ASP A 151 6.39 9.83 15.38
C ASP A 151 6.71 9.81 16.88
N GLY A 152 7.88 9.27 17.19
CA GLY A 152 8.30 9.10 18.57
C GLY A 152 9.31 10.12 19.03
N ASN A 153 10.58 9.72 19.04
CA ASN A 153 11.73 10.52 19.48
C ASN A 153 11.68 10.82 20.98
N THR A 154 10.79 10.16 21.73
CA THR A 154 10.68 10.35 23.16
C THR A 154 10.60 8.99 23.85
N GLU A 155 10.81 8.99 25.16
CA GLU A 155 10.84 7.75 25.92
C GLU A 155 9.46 7.09 26.00
N ASP A 156 8.39 7.89 25.99
CA ASP A 156 7.05 7.32 26.13
C ASP A 156 6.57 6.66 24.86
N ASP A 157 7.28 6.80 23.74
CA ASP A 157 6.93 6.12 22.50
C ASP A 157 7.74 4.84 22.28
N ALA A 158 8.55 4.42 23.25
CA ALA A 158 9.38 3.24 23.07
C ALA A 158 8.59 1.95 23.10
N TYR A 159 7.33 1.99 23.56
CA TYR A 159 6.53 0.78 23.61
C TYR A 159 6.22 0.25 22.23
N MET A 160 6.02 1.14 21.25
CA MET A 160 5.78 0.71 19.88
C MET A 160 6.99 -0.04 19.32
N MET A 161 8.19 0.50 19.55
CA MET A 161 9.40 -0.18 19.10
C MET A 161 9.57 -1.52 19.82
N GLU A 162 9.29 -1.55 21.12
CA GLU A 162 9.42 -2.81 21.86
C GLU A 162 8.46 -3.86 21.32
N MET A 163 7.21 -3.44 21.07
CA MET A 163 6.19 -4.37 20.54
C MET A 163 6.62 -4.87 19.16
N PHE A 164 7.12 -3.98 18.30
CA PHE A 164 7.59 -4.38 16.98
C PHE A 164 8.73 -5.39 17.09
N LYS A 165 9.65 -5.17 18.03
CA LYS A 165 10.75 -6.10 18.22
C LYS A 165 10.26 -7.46 18.68
N ASP A 166 9.32 -7.50 19.62
CA ASP A 166 8.88 -8.79 20.16
C ASP A 166 7.99 -9.53 19.18
N VAL A 167 7.28 -8.82 18.30
CA VAL A 167 6.33 -9.48 17.40
C VAL A 167 7.06 -10.43 16.45
N PHE A 168 8.09 -9.92 15.77
CA PHE A 168 8.78 -10.74 14.77
C PHE A 168 9.85 -11.63 15.41
N HIS A 169 10.89 -11.01 15.96
CA HIS A 169 11.93 -11.68 16.75
C HIS A 169 12.67 -12.76 15.96
N GLY A 170 12.35 -12.93 14.67
CA GLY A 170 12.93 -14.03 13.92
C GLY A 170 13.77 -13.63 12.72
N GLU A 171 13.42 -12.52 12.07
CA GLU A 171 14.10 -12.08 10.87
C GLU A 171 15.06 -10.93 11.20
N ASP A 172 15.64 -10.34 10.16
CA ASP A 172 16.54 -9.20 10.33
C ASP A 172 15.73 -8.01 10.86
N VAL A 173 15.95 -7.65 12.12
CA VAL A 173 15.23 -6.56 12.77
C VAL A 173 16.21 -5.42 12.98
N GLY A 174 15.88 -4.25 12.43
CA GLY A 174 16.70 -3.06 12.60
C GLY A 174 15.90 -1.90 13.16
N THR A 175 16.25 -1.46 14.36
CA THR A 175 15.52 -0.40 15.04
C THR A 175 16.42 0.82 15.22
N TYR A 176 15.88 1.99 14.90
CA TYR A 176 16.60 3.24 15.08
C TYR A 176 15.70 4.26 15.77
N VAL A 177 16.32 5.07 16.62
CA VAL A 177 15.62 6.07 17.41
C VAL A 177 15.66 7.44 16.74
N TRP A 178 16.83 7.82 16.23
CA TRP A 178 16.99 9.12 15.49
C TRP A 178 16.76 10.31 16.42
N LYS A 179 17.19 11.49 15.99
CA LYS A 179 17.00 12.71 16.78
C LYS A 179 16.37 13.83 15.96
N GLY A 180 15.75 13.49 14.82
CA GLY A 180 15.12 14.48 13.97
C GLY A 180 14.65 13.89 12.66
N ASN A 181 13.65 14.52 12.05
CA ASN A 181 13.12 14.03 10.78
C ASN A 181 14.10 14.33 9.64
N TYR A 182 13.67 14.02 8.42
CA TYR A 182 14.55 14.20 7.24
C TYR A 182 14.84 15.69 6.99
N HIS A 183 13.86 16.56 7.25
CA HIS A 183 14.04 18.01 7.07
C HIS A 183 14.40 18.68 8.38
N THR A 184 15.53 18.26 8.95
CA THR A 184 16.06 18.79 10.20
C THR A 184 15.03 18.72 11.33
N GLU A 207 25.52 11.01 10.94
CA GLU A 207 24.19 11.37 10.49
C GLU A 207 23.24 10.16 10.50
N GLY A 208 22.01 10.38 10.96
CA GLY A 208 21.05 9.29 11.03
C GLY A 208 20.39 8.95 9.71
N ILE A 209 20.52 9.81 8.70
CA ILE A 209 19.90 9.55 7.40
C ILE A 209 20.53 8.32 6.76
N ASN A 210 21.87 8.22 6.79
CA ASN A 210 22.53 7.07 6.21
C ASN A 210 22.18 5.79 6.96
N MET A 211 22.11 5.86 8.28
CA MET A 211 21.74 4.68 9.08
C MET A 211 20.33 4.22 8.74
N VAL A 212 19.39 5.17 8.65
CA VAL A 212 18.01 4.83 8.32
C VAL A 212 17.94 4.20 6.94
N GLU A 213 18.64 4.79 5.97
CA GLU A 213 18.59 4.28 4.60
C GLU A 213 19.17 2.87 4.52
N GLU A 214 20.33 2.64 5.16
CA GLU A 214 20.94 1.31 5.10
C GLU A 214 20.09 0.28 5.84
N LEU A 215 19.51 0.65 6.98
CA LEU A 215 18.66 -0.28 7.71
C LEU A 215 17.43 -0.66 6.91
N VAL A 216 16.82 0.32 6.24
CA VAL A 216 15.61 0.03 5.47
C VAL A 216 15.96 -0.79 4.23
N ARG A 217 17.03 -0.44 3.53
CA ARG A 217 17.34 -1.08 2.26
C ARG A 217 18.05 -2.41 2.40
N ASN A 218 18.61 -2.72 3.57
CA ASN A 218 19.38 -3.95 3.75
C ASN A 218 18.64 -5.01 4.56
N LYS A 219 17.86 -4.61 5.56
CA LYS A 219 17.19 -5.56 6.42
C LYS A 219 15.76 -5.81 5.93
N ARG A 220 15.05 -6.70 6.63
CA ARG A 220 13.68 -7.06 6.28
C ARG A 220 12.66 -6.31 7.14
N CYS A 221 12.78 -6.42 8.46
CA CYS A 221 11.92 -5.72 9.39
C CYS A 221 12.67 -4.50 9.92
N VAL A 222 12.10 -3.31 9.71
CA VAL A 222 12.73 -2.06 10.11
C VAL A 222 11.74 -1.27 10.95
N CYS A 223 12.23 -0.70 12.06
CA CYS A 223 11.43 0.14 12.94
C CYS A 223 12.20 1.43 13.18
N ILE A 224 11.75 2.53 12.57
CA ILE A 224 12.43 3.81 12.65
C ILE A 224 11.52 4.78 13.37
N MET A 225 12.00 5.36 14.46
CA MET A 225 11.29 6.46 15.11
C MET A 225 11.95 7.78 14.76
N GLN A 226 11.16 8.85 14.82
CA GLN A 226 11.68 10.16 14.47
C GLN A 226 10.86 11.22 15.21
N GLN A 227 11.29 12.47 15.07
CA GLN A 227 10.58 13.59 15.68
C GLN A 227 9.20 13.73 15.06
N TRP A 228 8.23 14.10 15.90
CA TRP A 228 6.85 14.19 15.43
C TRP A 228 6.71 15.29 14.38
N GLY A 229 6.11 14.93 13.24
CA GLY A 229 5.89 15.86 12.17
C GLY A 229 4.58 15.61 11.44
N GLY A 230 3.69 14.86 12.07
CA GLY A 230 2.44 14.49 11.45
C GLY A 230 2.53 13.21 10.64
N LYS A 231 1.41 12.78 10.06
CA LYS A 231 1.40 11.48 9.33
C LYS A 231 2.09 11.62 7.97
N ARG A 232 2.30 12.85 7.51
CA ARG A 232 3.03 13.03 6.26
C ARG A 232 4.52 12.79 6.42
N GLU A 233 5.11 13.18 7.55
CA GLU A 233 6.55 13.03 7.74
C GLU A 233 6.99 11.57 7.74
N VAL A 234 6.24 10.71 8.43
CA VAL A 234 6.61 9.29 8.49
C VAL A 234 6.46 8.63 7.12
N MET A 235 5.40 8.99 6.38
CA MET A 235 5.23 8.42 5.05
C MET A 235 6.35 8.88 4.11
N TYR A 236 6.71 10.17 4.19
CA TYR A 236 7.83 10.66 3.39
C TYR A 236 9.12 9.94 3.74
N THR A 237 9.38 9.76 5.03
CA THR A 237 10.61 9.09 5.45
C THR A 237 10.64 7.65 4.94
N ALA A 238 9.53 6.92 5.08
CA ALA A 238 9.48 5.54 4.60
C ALA A 238 9.68 5.47 3.09
N PHE A 239 9.01 6.35 2.34
CA PHE A 239 9.12 6.32 0.89
C PHE A 239 10.54 6.67 0.44
N GLN A 240 11.16 7.66 1.09
CA GLN A 240 12.53 8.04 0.74
C GLN A 240 13.51 6.94 1.07
N ALA A 241 13.33 6.27 2.22
CA ALA A 241 14.24 5.20 2.61
C ALA A 241 14.02 3.93 1.78
N ILE A 242 12.86 3.78 1.16
CA ILE A 242 12.62 2.61 0.32
C ILE A 242 13.60 2.57 -0.84
N GLY A 243 13.76 3.71 -1.52
CA GLY A 243 14.69 3.77 -2.65
C GLY A 243 14.28 2.84 -3.76
N THR A 244 15.27 2.15 -4.33
CA THR A 244 15.05 1.21 -5.43
C THR A 244 15.10 -0.24 -4.96
N SER A 245 15.01 -0.47 -3.65
CA SER A 245 15.10 -1.83 -3.13
C SER A 245 13.95 -2.70 -3.62
N VAL A 246 12.73 -2.15 -3.68
CA VAL A 246 11.55 -2.90 -4.07
C VAL A 246 10.93 -2.23 -5.29
N ASP A 247 9.91 -2.88 -5.85
CA ASP A 247 9.16 -2.35 -6.97
C ASP A 247 7.70 -2.09 -6.66
N TYR A 248 7.13 -2.73 -5.64
CA TYR A 248 5.76 -2.51 -5.22
C TYR A 248 5.75 -2.14 -3.74
N VAL A 249 5.06 -1.06 -3.41
CA VAL A 249 4.99 -0.58 -2.04
C VAL A 249 3.54 -0.50 -1.62
N GLN A 250 3.18 -1.20 -0.55
CA GLN A 250 1.86 -1.15 0.05
C GLN A 250 1.89 -0.22 1.24
N VAL A 251 0.83 0.58 1.40
CA VAL A 251 0.70 1.53 2.49
C VAL A 251 -0.36 1.01 3.47
N CYS A 252 -0.04 1.08 4.75
CA CYS A 252 -0.97 0.63 5.79
C CYS A 252 -0.85 1.55 6.99
N ASP A 253 -1.94 1.61 7.76
CA ASP A 253 -1.96 2.33 9.02
C ASP A 253 -1.84 1.35 10.18
N SER A 254 -1.72 1.91 11.39
CA SER A 254 -1.47 1.12 12.59
C SER A 254 -2.75 0.61 13.24
N ASP A 255 -3.86 0.56 12.50
CA ASP A 255 -5.11 0.08 13.07
C ASP A 255 -5.90 -0.83 12.14
N THR A 256 -5.28 -1.39 11.10
CA THR A 256 -5.98 -2.22 10.14
C THR A 256 -5.56 -3.68 10.28
N LYS A 257 -6.48 -4.58 9.95
CA LYS A 257 -6.23 -6.01 9.91
C LYS A 257 -6.22 -6.47 8.46
N LEU A 258 -5.17 -7.19 8.08
CA LEU A 258 -4.94 -7.57 6.69
C LEU A 258 -5.30 -9.03 6.46
N ASP A 259 -5.96 -9.29 5.34
CA ASP A 259 -6.24 -10.66 4.93
C ASP A 259 -4.99 -11.30 4.33
N GLU A 260 -4.99 -12.64 4.34
CA GLU A 260 -3.81 -13.37 3.86
C GLU A 260 -3.59 -13.17 2.37
N LEU A 261 -4.67 -13.17 1.58
CA LEU A 261 -4.58 -13.13 0.12
C LEU A 261 -4.61 -11.71 -0.44
N ALA A 262 -4.69 -10.69 0.42
CA ALA A 262 -4.81 -9.32 -0.08
C ALA A 262 -3.59 -8.92 -0.90
N THR A 263 -2.39 -9.12 -0.34
CA THR A 263 -1.17 -8.72 -1.03
C THR A 263 -0.98 -9.53 -2.31
N VAL A 264 -1.32 -10.82 -2.28
CA VAL A 264 -1.20 -11.66 -3.46
C VAL A 264 -2.12 -11.14 -4.56
N GLU A 265 -3.35 -10.77 -4.20
CA GLU A 265 -4.29 -10.26 -5.20
C GLU A 265 -3.84 -8.93 -5.77
N MET A 266 -3.31 -8.04 -4.91
CA MET A 266 -2.80 -6.77 -5.42
C MET A 266 -1.63 -6.99 -6.37
N VAL A 267 -0.72 -7.92 -6.04
CA VAL A 267 0.40 -8.22 -6.91
C VAL A 267 -0.11 -8.78 -8.24
N LYS A 268 -1.10 -9.68 -8.18
CA LYS A 268 -1.63 -10.28 -9.39
C LYS A 268 -2.28 -9.25 -10.30
N VAL A 269 -3.07 -8.33 -9.73
CA VAL A 269 -3.73 -7.34 -10.56
C VAL A 269 -2.74 -6.31 -11.09
N LEU A 270 -1.70 -5.99 -10.30
CA LEU A 270 -0.70 -5.03 -10.74
C LEU A 270 0.22 -5.61 -11.82
N GLU A 271 0.44 -6.92 -11.81
CA GLU A 271 1.31 -7.57 -12.78
C GLU A 271 0.61 -7.86 -14.10
N SER A 272 -0.71 -7.71 -14.17
CA SER A 272 -1.43 -7.99 -15.41
C SER A 272 -1.05 -7.03 -16.51
N ASN A 273 -0.94 -5.73 -16.19
CA ASN A 273 -0.60 -4.72 -17.18
C ASN A 273 0.46 -3.80 -16.60
N ASP A 274 1.33 -3.30 -17.49
CA ASP A 274 2.39 -2.38 -17.11
C ASP A 274 1.91 -0.94 -17.01
N MET A 275 0.74 -0.62 -17.53
CA MET A 275 0.22 0.75 -17.45
C MET A 275 -0.34 1.08 -16.08
N TYR A 276 -0.68 0.08 -15.27
CA TYR A 276 -1.18 0.33 -13.94
C TYR A 276 -0.09 0.91 -13.06
N GLY A 277 -0.45 1.91 -12.26
CA GLY A 277 0.50 2.55 -11.36
C GLY A 277 0.15 2.37 -9.90
N ALA A 278 -1.13 2.22 -9.61
CA ALA A 278 -1.63 2.08 -8.25
C ALA A 278 -2.85 1.19 -8.26
N VAL A 279 -3.16 0.62 -7.09
CA VAL A 279 -4.30 -0.28 -6.95
C VAL A 279 -4.78 -0.22 -5.50
N GLY A 280 -6.07 -0.49 -5.32
CA GLY A 280 -6.67 -0.54 -4.00
C GLY A 280 -7.44 -1.83 -3.79
N GLY A 281 -8.04 -1.93 -2.60
CA GLY A 281 -8.80 -3.11 -2.23
C GLY A 281 -10.05 -2.74 -1.47
N ASP A 282 -10.85 -3.77 -1.15
CA ASP A 282 -12.09 -3.60 -0.41
C ASP A 282 -11.77 -3.47 1.08
N VAL A 283 -12.16 -2.35 1.67
CA VAL A 283 -11.89 -2.08 3.09
C VAL A 283 -13.20 -2.24 3.85
N ARG A 284 -13.22 -3.18 4.79
CA ARG A 284 -14.40 -3.43 5.61
C ARG A 284 -14.27 -2.69 6.94
N ILE A 285 -15.22 -2.93 7.85
CA ILE A 285 -15.23 -2.31 9.17
C ILE A 285 -15.15 -3.39 10.22
N LEU A 286 -14.20 -3.26 11.15
CA LEU A 286 -13.98 -4.27 12.18
C LEU A 286 -15.02 -4.20 13.30
N ASN A 287 -15.73 -3.07 13.43
CA ASN A 287 -16.73 -2.89 14.48
C ASN A 287 -18.04 -2.39 13.88
N PRO A 288 -18.73 -3.24 13.11
CA PRO A 288 -20.00 -2.81 12.50
C PRO A 288 -21.10 -2.50 13.50
N TYR A 289 -21.02 -3.05 14.72
CA TYR A 289 -22.05 -2.84 15.73
C TYR A 289 -21.56 -2.02 16.92
N ASP A 290 -20.49 -1.23 16.72
CA ASP A 290 -19.99 -0.38 17.80
C ASP A 290 -21.03 0.67 18.19
N SER A 291 -21.68 1.28 17.22
CA SER A 291 -22.69 2.30 17.47
C SER A 291 -23.61 2.37 16.25
N PHE A 292 -24.61 3.25 16.34
CA PHE A 292 -25.53 3.44 15.22
C PHE A 292 -24.80 3.95 13.99
N ILE A 293 -23.90 4.92 14.18
CA ILE A 293 -23.16 5.46 13.05
C ILE A 293 -22.15 4.45 12.50
N SER A 294 -21.76 3.46 13.31
CA SER A 294 -20.79 2.47 12.83
C SER A 294 -21.40 1.58 11.74
N PHE A 295 -22.64 1.12 11.94
CA PHE A 295 -23.27 0.27 10.93
C PHE A 295 -23.57 1.06 9.66
N MET A 296 -24.02 2.30 9.81
CA MET A 296 -24.24 3.15 8.64
C MET A 296 -22.95 3.41 7.89
N SER A 297 -21.86 3.64 8.64
CA SER A 297 -20.55 3.83 8.00
C SER A 297 -20.11 2.57 7.26
N SER A 298 -20.35 1.40 7.85
CA SER A 298 -19.99 0.14 7.18
C SER A 298 -20.78 -0.03 5.89
N LEU A 299 -22.09 0.22 5.94
CA LEU A 299 -22.91 0.09 4.74
C LEU A 299 -22.48 1.08 3.66
N ARG A 300 -22.20 2.33 4.05
CA ARG A 300 -21.74 3.33 3.10
C ARG A 300 -20.40 2.94 2.50
N TYR A 301 -19.50 2.41 3.33
CA TYR A 301 -18.21 1.96 2.84
C TYR A 301 -18.37 0.85 1.81
N TRP A 302 -19.20 -0.14 2.12
CA TRP A 302 -19.42 -1.24 1.17
C TRP A 302 -19.98 -0.72 -0.14
N MET A 303 -21.04 0.09 -0.08
CA MET A 303 -21.67 0.60 -1.30
C MET A 303 -20.69 1.43 -2.10
N ALA A 304 -20.06 2.41 -1.47
CA ALA A 304 -19.10 3.28 -2.15
C ALA A 304 -18.00 2.45 -2.80
N PHE A 305 -17.25 1.70 -1.98
CA PHE A 305 -16.15 0.88 -2.50
C PHE A 305 -16.63 0.06 -3.68
N ASN A 306 -17.56 -0.87 -3.46
CA ASN A 306 -17.95 -1.77 -4.53
C ASN A 306 -18.40 -1.01 -5.77
N VAL A 307 -19.52 -0.28 -5.67
CA VAL A 307 -20.11 0.32 -6.86
C VAL A 307 -19.14 1.31 -7.50
N GLU A 308 -18.74 2.34 -6.77
CA GLU A 308 -17.97 3.43 -7.36
C GLU A 308 -16.61 2.94 -7.85
N ARG A 309 -15.87 2.21 -7.02
CA ARG A 309 -14.53 1.80 -7.41
C ARG A 309 -14.56 0.78 -8.55
N ALA A 310 -15.53 -0.14 -8.57
CA ALA A 310 -15.61 -1.06 -9.70
C ALA A 310 -15.99 -0.33 -10.99
N CYS A 311 -16.92 0.63 -10.90
CA CYS A 311 -17.30 1.40 -12.07
C CYS A 311 -16.11 2.20 -12.60
N GLN A 312 -15.32 2.78 -11.70
CA GLN A 312 -14.14 3.54 -12.12
C GLN A 312 -13.05 2.63 -12.66
N SER A 313 -12.91 1.42 -12.11
CA SER A 313 -11.92 0.48 -12.62
C SER A 313 -12.32 -0.07 -13.98
N TYR A 314 -13.62 -0.10 -14.28
CA TYR A 314 -14.04 -0.46 -15.63
C TYR A 314 -13.49 0.50 -16.67
N PHE A 315 -13.28 1.77 -16.30
CA PHE A 315 -12.62 2.74 -17.16
C PHE A 315 -11.22 3.10 -16.67
N ASP A 316 -10.71 2.39 -15.66
CA ASP A 316 -9.37 2.60 -15.13
C ASP A 316 -9.17 4.04 -14.65
N CYS A 317 -10.18 4.58 -13.97
CA CYS A 317 -10.15 5.97 -13.52
C CYS A 317 -10.60 6.08 -12.06
N VAL A 318 -10.04 5.23 -11.20
CA VAL A 318 -10.39 5.27 -9.78
C VAL A 318 -9.89 6.57 -9.19
N SER A 319 -10.81 7.38 -8.66
CA SER A 319 -10.47 8.71 -8.19
C SER A 319 -9.66 8.67 -6.90
N CYS A 320 -10.07 7.84 -5.95
CA CYS A 320 -9.43 7.77 -4.64
C CYS A 320 -9.12 6.33 -4.28
N ILE A 321 -7.94 6.12 -3.70
CA ILE A 321 -7.49 4.81 -3.24
C ILE A 321 -7.35 4.87 -1.73
N SER A 322 -7.96 3.91 -1.04
CA SER A 322 -7.98 3.92 0.42
C SER A 322 -6.57 3.86 0.99
N GLY A 323 -6.31 4.69 1.99
CA GLY A 323 -5.03 4.73 2.65
C GLY A 323 -4.64 3.43 3.33
N PRO A 324 -5.55 2.85 4.13
CA PRO A 324 -5.22 1.56 4.77
C PRO A 324 -4.91 0.45 3.79
N LEU A 325 -5.53 0.43 2.60
CA LEU A 325 -5.32 -0.62 1.61
C LEU A 325 -4.98 0.01 0.28
N GLY A 326 -3.70 0.05 -0.07
CA GLY A 326 -3.26 0.62 -1.32
C GLY A 326 -1.86 0.17 -1.66
N MET A 327 -1.62 -0.03 -2.95
CA MET A 327 -0.32 -0.44 -3.48
C MET A 327 0.06 0.49 -4.63
N TYR A 328 1.35 0.83 -4.70
CA TYR A 328 1.87 1.75 -5.70
C TYR A 328 3.16 1.20 -6.29
N ARG A 329 3.44 1.62 -7.53
CA ARG A 329 4.72 1.32 -8.15
C ARG A 329 5.81 2.19 -7.53
N ASN A 330 6.93 1.56 -7.21
CA ASN A 330 8.02 2.31 -6.55
C ASN A 330 8.58 3.27 -7.58
N ASN A 331 8.69 2.83 -8.84
CA ASN A 331 9.34 3.72 -9.83
C ASN A 331 8.52 4.99 -10.00
N ILE A 332 7.20 4.87 -10.14
CA ILE A 332 6.31 6.07 -10.25
C ILE A 332 6.32 6.83 -8.92
N LEU A 333 6.27 6.12 -7.79
CA LEU A 333 6.15 6.80 -6.47
C LEU A 333 7.37 7.68 -6.24
N GLN A 334 8.55 7.22 -6.61
CA GLN A 334 9.77 8.00 -6.32
C GLN A 334 9.70 9.33 -7.05
N VAL A 335 9.21 9.32 -8.30
CA VAL A 335 9.20 10.58 -9.11
C VAL A 335 8.32 11.64 -8.44
N PHE A 336 7.12 11.25 -7.99
CA PHE A 336 6.21 12.28 -7.44
C PHE A 336 6.45 12.49 -5.94
N LEU A 337 7.35 11.71 -5.33
CA LEU A 337 7.52 11.80 -3.86
C LEU A 337 7.99 13.21 -3.47
N GLU A 338 8.96 13.76 -4.18
CA GLU A 338 9.47 15.08 -3.75
C GLU A 338 8.37 16.13 -3.92
N ALA A 339 7.65 16.07 -5.04
CA ALA A 339 6.57 17.06 -5.32
C ALA A 339 5.42 16.95 -4.31
N TRP A 340 5.02 15.72 -3.95
CA TRP A 340 3.87 15.52 -3.06
C TRP A 340 4.13 16.14 -1.69
N TYR A 341 5.34 16.00 -1.16
CA TYR A 341 5.58 16.50 0.22
C TYR A 341 5.35 18.01 0.28
N ARG A 342 5.90 18.74 -0.70
CA ARG A 342 5.72 20.22 -0.75
C ARG A 342 4.47 20.56 -1.57
N GLN A 343 3.28 20.33 -1.01
CA GLN A 343 2.04 20.70 -1.71
C GLN A 343 1.27 21.70 -0.85
N LYS A 344 0.84 22.82 -1.43
CA LYS A 344 0.09 23.85 -0.67
C LYS A 344 -1.17 24.23 -1.46
N GLY A 353 -0.56 14.59 4.05
CA GLY A 353 -0.30 13.29 3.42
C GLY A 353 -1.60 12.55 3.20
N ASP A 354 -2.38 12.99 2.21
CA ASP A 354 -3.72 12.39 2.00
C ASP A 354 -3.64 11.19 1.06
N ASP A 355 -4.66 10.33 1.08
CA ASP A 355 -4.70 9.16 0.16
C ASP A 355 -5.34 9.62 -1.16
N ARG A 356 -6.14 10.68 -1.10
CA ARG A 356 -6.77 11.22 -2.34
C ARG A 356 -5.74 12.06 -3.08
N HIS A 357 -4.74 12.57 -2.38
CA HIS A 357 -3.71 13.35 -3.05
C HIS A 357 -2.73 12.44 -3.78
N LEU A 358 -2.35 11.33 -3.15
CA LEU A 358 -1.46 10.37 -3.82
C LEU A 358 -2.11 9.80 -5.07
N THR A 359 -3.40 9.44 -4.98
CA THR A 359 -4.10 8.94 -6.15
C THR A 359 -4.18 9.99 -7.26
N ASN A 360 -4.41 11.25 -6.87
CA ASN A 360 -4.43 12.33 -7.86
C ASN A 360 -3.07 12.50 -8.53
N ARG A 361 -1.99 12.37 -7.76
CA ARG A 361 -0.65 12.42 -8.34
C ARG A 361 -0.43 11.27 -9.31
N VAL A 362 -0.89 10.07 -8.95
CA VAL A 362 -0.76 8.93 -9.85
C VAL A 362 -1.51 9.19 -11.15
N LEU A 363 -2.73 9.71 -11.04
CA LEU A 363 -3.54 9.98 -12.23
C LEU A 363 -2.90 11.07 -13.09
N SER A 364 -2.34 12.11 -12.45
CA SER A 364 -1.70 13.18 -13.20
C SER A 364 -0.40 12.74 -13.84
N MET A 365 0.26 11.70 -13.29
CA MET A 365 1.47 11.19 -13.91
C MET A 365 1.22 10.50 -15.24
N GLY A 366 -0.04 10.25 -15.60
CA GLY A 366 -0.40 9.61 -16.84
C GLY A 366 -0.77 8.16 -16.73
N TYR A 367 -0.54 7.53 -15.58
CA TYR A 367 -0.86 6.13 -15.39
C TYR A 367 -2.24 5.97 -14.75
N ARG A 368 -2.78 4.76 -14.87
CA ARG A 368 -4.12 4.45 -14.40
C ARG A 368 -4.08 3.63 -13.13
N THR A 369 -5.14 3.78 -12.32
CA THR A 369 -5.28 3.07 -11.06
C THR A 369 -6.44 2.09 -11.14
N LYS A 370 -6.29 0.97 -10.42
CA LYS A 370 -7.30 -0.09 -10.46
C LYS A 370 -7.86 -0.38 -9.07
N TYR A 371 -8.77 -1.35 -8.99
CA TYR A 371 -9.35 -1.77 -7.72
C TYR A 371 -9.84 -3.19 -7.86
N THR A 372 -9.51 -4.04 -6.88
CA THR A 372 -9.95 -5.42 -6.87
C THR A 372 -10.62 -5.73 -5.54
N HIS A 373 -11.74 -6.45 -5.60
CA HIS A 373 -12.50 -6.81 -4.41
C HIS A 373 -11.98 -8.05 -3.72
N LYS A 374 -11.07 -8.80 -4.36
CA LYS A 374 -10.51 -10.00 -3.74
C LYS A 374 -9.49 -9.67 -2.66
N SER A 375 -8.96 -8.45 -2.63
CA SER A 375 -8.08 -7.99 -1.57
C SER A 375 -8.93 -7.31 -0.51
N ARG A 376 -8.91 -7.85 0.71
CA ARG A 376 -9.79 -7.40 1.78
C ARG A 376 -8.99 -6.99 3.00
N ALA A 377 -9.51 -6.00 3.72
CA ALA A 377 -8.90 -5.56 4.97
C ALA A 377 -10.00 -4.98 5.85
N PHE A 378 -9.72 -4.95 7.16
CA PHE A 378 -10.67 -4.47 8.15
C PHE A 378 -10.08 -3.24 8.83
N SER A 379 -10.67 -2.09 8.57
CA SER A 379 -10.29 -0.83 9.21
C SER A 379 -11.32 -0.46 10.27
N GLU A 380 -11.20 0.74 10.82
CA GLU A 380 -12.09 1.22 11.87
C GLU A 380 -12.66 2.57 11.49
N THR A 381 -13.80 2.90 12.08
CA THR A 381 -14.50 4.15 11.84
C THR A 381 -14.81 4.82 13.17
N PRO A 382 -14.86 6.15 13.21
CA PRO A 382 -15.18 6.84 14.46
C PRO A 382 -16.58 6.46 14.96
N SER A 383 -16.70 6.38 16.29
CA SER A 383 -17.95 6.00 16.92
C SER A 383 -18.58 7.11 17.76
N LEU A 384 -17.87 8.19 18.02
CA LEU A 384 -18.38 9.30 18.82
C LEU A 384 -18.82 10.41 17.87
N TYR A 385 -19.95 11.03 18.17
CA TYR A 385 -20.55 11.97 17.23
C TYR A 385 -19.71 13.24 17.09
N LEU A 386 -19.87 13.88 15.92
CA LEU A 386 -19.17 15.09 15.50
C LEU A 386 -17.72 14.80 15.14
N ARG A 387 -17.24 13.60 15.47
CA ARG A 387 -15.92 13.17 15.02
C ARG A 387 -15.99 12.60 13.61
N TRP A 388 -17.01 11.80 13.33
CA TRP A 388 -17.33 11.44 11.95
C TRP A 388 -17.63 12.69 11.13
N LEU A 389 -18.25 13.70 11.76
CA LEU A 389 -18.52 14.94 11.06
C LEU A 389 -17.22 15.70 10.74
N ASN A 390 -16.28 15.75 11.68
CA ASN A 390 -14.99 16.36 11.39
C ASN A 390 -14.25 15.60 10.29
N GLN A 391 -14.31 14.27 10.33
CA GLN A 391 -13.69 13.46 9.28
C GLN A 391 -14.32 13.75 7.93
N GLN A 392 -15.66 13.87 7.88
CA GLN A 392 -16.34 14.19 6.63
C GLN A 392 -15.97 15.58 6.14
N THR A 393 -15.83 16.55 7.05
CA THR A 393 -15.42 17.89 6.64
C THR A 393 -14.01 17.88 6.05
N ARG A 394 -13.09 17.15 6.68
CA ARG A 394 -11.74 17.04 6.14
C ARG A 394 -11.75 16.35 4.79
N TRP A 395 -12.58 15.29 4.65
CA TRP A 395 -12.69 14.61 3.36
C TRP A 395 -13.24 15.54 2.29
N THR A 396 -14.22 16.37 2.64
CA THR A 396 -14.78 17.33 1.69
C THR A 396 -13.74 18.36 1.27
N LYS A 397 -12.94 18.84 2.23
CA LYS A 397 -11.87 19.79 1.90
C LYS A 397 -10.87 19.15 0.94
N SER A 398 -10.45 17.92 1.25
CA SER A 398 -9.51 17.22 0.38
C SER A 398 -10.11 16.97 -0.99
N TYR A 399 -11.41 16.65 -1.04
CA TYR A 399 -12.08 16.43 -2.32
C TYR A 399 -12.13 17.71 -3.13
N PHE A 400 -12.40 18.84 -2.47
CA PHE A 400 -12.56 20.14 -3.17
C PHE A 400 -11.20 20.71 -3.59
N ARG A 401 -10.27 20.86 -2.68
CA ARG A 401 -8.88 21.21 -3.06
C ARG A 401 -8.32 20.31 -4.19
N GLU A 402 -8.86 19.15 -4.44
CA GLU A 402 -8.40 18.30 -5.58
C GLU A 402 -9.39 18.39 -6.75
N TRP A 403 -10.70 18.52 -6.52
CA TRP A 403 -11.59 18.72 -7.68
C TRP A 403 -10.94 19.84 -8.49
N LEU A 404 -10.12 20.62 -7.80
CA LEU A 404 -9.40 21.72 -8.43
C LEU A 404 -8.13 21.23 -9.11
N TYR A 405 -7.49 20.20 -8.54
CA TYR A 405 -6.31 19.61 -9.17
C TYR A 405 -6.69 18.89 -10.48
N ASN A 406 -7.67 18.00 -10.42
CA ASN A 406 -7.97 17.15 -11.57
C ASN A 406 -8.72 17.89 -12.67
N ALA A 407 -9.21 19.10 -12.39
CA ALA A 407 -9.79 19.92 -13.46
C ALA A 407 -8.77 20.28 -14.53
N GLN A 408 -7.49 19.96 -14.33
CA GLN A 408 -6.44 20.28 -15.28
C GLN A 408 -6.15 19.16 -16.27
N TRP A 409 -6.17 17.90 -15.83
CA TRP A 409 -5.77 16.77 -16.66
C TRP A 409 -6.91 15.79 -16.85
N TRP A 410 -8.11 16.30 -17.14
CA TRP A 410 -9.23 15.41 -17.45
C TRP A 410 -9.00 14.65 -18.75
N HIS A 411 -8.28 15.26 -19.70
CA HIS A 411 -8.06 14.64 -21.00
C HIS A 411 -7.16 13.42 -20.92
N LYS A 412 -6.45 13.23 -19.82
CA LYS A 412 -5.51 12.12 -19.71
C LYS A 412 -6.17 10.78 -19.40
N HIS A 413 -7.48 10.76 -19.17
CA HIS A 413 -8.19 9.53 -18.83
C HIS A 413 -9.52 9.53 -19.59
N HIS A 414 -10.40 8.62 -19.19
CA HIS A 414 -11.68 8.46 -19.87
C HIS A 414 -12.60 9.63 -19.56
N ILE A 415 -13.62 9.80 -20.41
CA ILE A 415 -14.59 10.86 -20.22
C ILE A 415 -15.46 10.63 -18.98
N TRP A 416 -15.47 9.39 -18.46
CA TRP A 416 -16.23 9.11 -17.25
C TRP A 416 -15.73 9.93 -16.06
N MET A 417 -14.43 10.22 -16.07
CA MET A 417 -13.80 11.01 -14.97
C MET A 417 -14.38 12.42 -15.00
N THR A 418 -14.48 13.01 -16.18
CA THR A 418 -15.03 14.35 -16.33
C THR A 418 -16.51 14.37 -16.01
N TYR A 419 -17.26 13.37 -16.49
CA TYR A 419 -18.69 13.31 -16.23
C TYR A 419 -18.97 13.21 -14.73
N GLU A 420 -18.28 12.30 -14.05
CA GLU A 420 -18.48 12.12 -12.61
C GLU A 420 -18.10 13.38 -11.84
N SER A 421 -16.97 14.00 -12.19
CA SER A 421 -16.55 15.21 -11.50
C SER A 421 -17.58 16.33 -11.68
N VAL A 422 -18.07 16.50 -12.91
CA VAL A 422 -19.04 17.57 -13.18
C VAL A 422 -20.32 17.34 -12.39
N VAL A 423 -20.85 16.10 -12.44
CA VAL A 423 -22.12 15.85 -11.75
C VAL A 423 -21.95 15.98 -10.24
N SER A 424 -20.84 15.47 -9.70
CA SER A 424 -20.63 15.55 -8.26
C SER A 424 -20.41 16.99 -7.82
N PHE A 425 -19.85 17.84 -8.68
CA PHE A 425 -19.66 19.23 -8.31
C PHE A 425 -20.95 20.02 -8.39
N ILE A 426 -21.80 19.72 -9.38
CA ILE A 426 -22.97 20.58 -9.61
C ILE A 426 -24.27 20.05 -9.03
N PHE A 427 -24.29 18.81 -8.58
CA PHE A 427 -25.59 18.28 -8.11
C PHE A 427 -25.89 18.86 -6.71
N PRO A 428 -25.02 18.72 -5.70
CA PRO A 428 -25.41 19.17 -4.35
C PRO A 428 -26.01 20.57 -4.32
N PHE A 429 -25.45 21.51 -5.09
CA PHE A 429 -25.98 22.87 -5.09
C PHE A 429 -27.39 22.90 -5.67
N PHE A 430 -27.63 22.15 -6.75
CA PHE A 430 -28.97 22.11 -7.33
C PHE A 430 -29.96 21.48 -6.37
N ILE A 431 -29.54 20.42 -5.66
CA ILE A 431 -30.42 19.79 -4.69
C ILE A 431 -30.77 20.77 -3.57
N THR A 432 -29.76 21.50 -3.08
CA THR A 432 -30.01 22.49 -2.03
C THR A 432 -30.97 23.58 -2.52
N ALA A 433 -30.75 24.07 -3.73
CA ALA A 433 -31.64 25.11 -4.27
C ALA A 433 -33.07 24.59 -4.42
N THR A 434 -33.23 23.36 -4.91
CA THR A 434 -34.56 22.78 -5.06
C THR A 434 -35.23 22.62 -3.70
N VAL A 435 -34.49 22.17 -2.69
CA VAL A 435 -35.06 21.99 -1.36
C VAL A 435 -35.50 23.33 -0.79
N ILE A 436 -34.65 24.35 -0.93
CA ILE A 436 -34.98 25.68 -0.42
C ILE A 436 -36.22 26.22 -1.12
N ARG A 437 -36.29 26.07 -2.45
CA ARG A 437 -37.44 26.56 -3.19
C ARG A 437 -38.72 25.84 -2.78
N LEU A 438 -38.65 24.52 -2.60
CA LEU A 438 -39.83 23.76 -2.25
C LEU A 438 -40.32 24.09 -0.84
N ILE A 439 -39.39 24.21 0.12
CA ILE A 439 -39.80 24.53 1.48
C ILE A 439 -40.33 25.96 1.57
N TYR A 440 -39.67 26.90 0.90
CA TYR A 440 -40.10 28.29 0.88
C TYR A 440 -41.16 28.55 -0.19
N ALA A 441 -42.23 27.78 -0.16
CA ALA A 441 -43.32 27.92 -1.11
C ALA A 441 -44.58 28.46 -0.45
N GLY A 442 -45.03 27.83 0.63
CA GLY A 442 -46.19 28.32 1.37
C GLY A 442 -47.24 27.26 1.64
N THR A 443 -47.00 26.04 1.16
CA THR A 443 -47.94 24.94 1.34
C THR A 443 -47.23 23.80 2.06
N ILE A 444 -47.92 23.23 3.06
CA ILE A 444 -47.40 22.02 3.72
C ILE A 444 -47.35 20.86 2.72
N TRP A 445 -48.21 20.91 1.69
CA TRP A 445 -48.16 19.92 0.61
C TRP A 445 -46.77 19.82 0.01
N ASN A 446 -46.16 20.96 -0.31
CA ASN A 446 -44.88 20.95 -1.01
C ASN A 446 -43.79 20.28 -0.16
N VAL A 447 -43.65 20.71 1.10
CA VAL A 447 -42.59 20.17 1.95
C VAL A 447 -42.86 18.71 2.30
N VAL A 448 -44.13 18.36 2.55
CA VAL A 448 -44.47 16.98 2.89
C VAL A 448 -44.13 16.05 1.73
N TRP A 449 -44.53 16.43 0.52
CA TRP A 449 -44.23 15.58 -0.63
C TRP A 449 -42.75 15.60 -1.00
N LEU A 450 -42.05 16.69 -0.70
CA LEU A 450 -40.60 16.70 -0.89
C LEU A 450 -39.93 15.67 0.02
N LEU A 451 -40.31 15.64 1.29
CA LEU A 451 -39.77 14.64 2.20
C LEU A 451 -40.15 13.23 1.77
N LEU A 452 -41.40 13.05 1.34
CA LEU A 452 -41.84 11.75 0.87
C LEU A 452 -41.03 11.29 -0.33
N CYS A 453 -40.79 12.20 -1.28
CA CYS A 453 -40.04 11.85 -2.49
C CYS A 453 -38.58 11.54 -2.16
N ILE A 454 -38.00 12.29 -1.22
CA ILE A 454 -36.62 11.99 -0.80
C ILE A 454 -36.54 10.59 -0.20
N GLN A 455 -37.49 10.26 0.67
CA GLN A 455 -37.48 8.94 1.30
C GLN A 455 -37.74 7.83 0.27
N ILE A 456 -38.62 8.10 -0.71
CA ILE A 456 -38.85 7.15 -1.79
C ILE A 456 -37.57 6.92 -2.61
N MET A 457 -36.86 8.00 -2.93
CA MET A 457 -35.61 7.86 -3.66
C MET A 457 -34.63 6.99 -2.88
N SER A 458 -34.51 7.24 -1.58
CA SER A 458 -33.64 6.43 -0.75
C SER A 458 -34.12 4.98 -0.69
N LEU A 459 -35.43 4.77 -0.75
CA LEU A 459 -35.97 3.41 -0.63
C LEU A 459 -35.64 2.57 -1.86
N PHE A 460 -35.75 3.20 -3.03
CA PHE A 460 -35.39 2.52 -4.30
C PHE A 460 -33.88 2.34 -4.35
N LYS A 461 -33.13 3.29 -3.78
CA LYS A 461 -31.68 3.14 -3.72
C LYS A 461 -31.29 1.94 -2.87
N SER A 462 -31.93 1.79 -1.70
CA SER A 462 -31.65 0.65 -0.83
C SER A 462 -32.09 -0.65 -1.46
N ILE A 463 -33.23 -0.65 -2.18
CA ILE A 463 -33.70 -1.85 -2.84
C ILE A 463 -32.74 -2.28 -3.93
N TYR A 464 -32.24 -1.33 -4.72
CA TYR A 464 -31.26 -1.63 -5.75
C TYR A 464 -29.98 -2.17 -5.13
N ALA A 465 -29.54 -1.57 -4.02
CA ALA A 465 -28.35 -2.08 -3.34
C ALA A 465 -28.57 -3.50 -2.83
N CYS A 466 -29.77 -3.79 -2.30
CA CYS A 466 -30.09 -5.13 -1.85
C CYS A 466 -30.06 -6.12 -3.00
N TRP A 467 -30.62 -5.75 -4.15
CA TRP A 467 -30.61 -6.64 -5.30
C TRP A 467 -29.19 -6.89 -5.80
N LEU A 468 -28.36 -5.84 -5.81
CA LEU A 468 -26.98 -5.99 -6.27
C LEU A 468 -26.18 -6.89 -5.34
N ARG A 469 -26.26 -6.63 -4.02
CA ARG A 469 -25.46 -7.40 -3.07
C ARG A 469 -25.96 -8.83 -2.92
N GLY A 470 -27.28 -9.03 -3.01
CA GLY A 470 -27.87 -10.30 -2.69
C GLY A 470 -28.25 -10.48 -1.24
N ASN A 471 -27.95 -9.51 -0.39
CA ASN A 471 -28.31 -9.52 1.02
C ASN A 471 -29.33 -8.43 1.27
N PHE A 472 -30.27 -8.70 2.18
CA PHE A 472 -31.35 -7.78 2.47
C PHE A 472 -30.97 -6.71 3.49
N ILE A 473 -29.73 -6.72 3.97
CA ILE A 473 -29.29 -5.72 4.95
C ILE A 473 -29.08 -4.35 4.33
N MET A 474 -28.99 -4.26 3.00
CA MET A 474 -28.80 -2.96 2.36
C MET A 474 -30.07 -2.11 2.40
N LEU A 475 -31.21 -2.70 2.73
CA LEU A 475 -32.45 -1.92 2.85
C LEU A 475 -32.38 -0.94 4.02
N LEU A 476 -31.46 -1.16 4.95
CA LEU A 476 -31.29 -0.32 6.12
C LEU A 476 -30.53 0.97 5.82
N MET A 477 -30.00 1.11 4.60
CA MET A 477 -29.24 2.30 4.23
C MET A 477 -30.12 3.53 4.03
N SER A 478 -31.45 3.39 4.12
CA SER A 478 -32.35 4.51 3.88
C SER A 478 -32.15 5.64 4.89
N LEU A 479 -31.62 5.33 6.08
CA LEU A 479 -31.36 6.38 7.06
C LEU A 479 -30.23 7.31 6.64
N TYR A 480 -29.49 6.94 5.59
CA TYR A 480 -28.43 7.84 5.09
C TYR A 480 -29.08 9.14 4.61
N SER A 481 -30.31 9.07 4.10
CA SER A 481 -30.99 10.29 3.66
C SER A 481 -31.10 11.29 4.81
N MET A 482 -31.56 10.83 5.97
CA MET A 482 -31.63 11.70 7.14
C MET A 482 -30.23 12.13 7.58
N LEU A 483 -29.27 11.21 7.49
CA LEU A 483 -27.90 11.54 7.88
C LEU A 483 -27.32 12.65 7.02
N TYR A 484 -27.52 12.58 5.70
CA TYR A 484 -26.96 13.55 4.78
C TYR A 484 -27.73 14.87 4.81
N MET A 485 -29.06 14.80 4.92
CA MET A 485 -29.89 15.99 4.84
C MET A 485 -29.73 16.91 6.05
N THR A 486 -29.09 16.46 7.12
CA THR A 486 -28.93 17.26 8.32
C THR A 486 -27.49 17.63 8.63
N GLY A 487 -26.55 16.72 8.41
CA GLY A 487 -25.17 16.97 8.77
C GLY A 487 -24.20 17.13 7.62
N LEU A 488 -24.41 16.38 6.53
CA LEU A 488 -23.41 16.35 5.47
C LEU A 488 -23.44 17.63 4.64
N LEU A 489 -24.63 18.14 4.30
CA LEU A 489 -24.70 19.37 3.51
C LEU A 489 -24.11 20.57 4.23
N PRO A 490 -24.47 20.87 5.49
CA PRO A 490 -23.80 22.00 6.17
C PRO A 490 -22.31 21.80 6.34
N SER A 491 -21.87 20.57 6.57
CA SER A 491 -20.44 20.31 6.68
C SER A 491 -19.73 20.59 5.37
N LYS A 492 -20.33 20.20 4.25
CA LYS A 492 -19.74 20.48 2.95
C LYS A 492 -19.69 21.98 2.69
N TYR A 493 -20.77 22.70 3.04
CA TYR A 493 -20.77 24.15 2.84
C TYR A 493 -19.71 24.83 3.71
N PHE A 494 -19.56 24.40 4.96
CA PHE A 494 -18.55 24.96 5.83
C PHE A 494 -17.15 24.67 5.31
N ALA A 495 -16.92 23.45 4.81
CA ALA A 495 -15.62 23.10 4.24
C ALA A 495 -15.31 23.96 3.03
N LEU A 496 -16.31 24.19 2.17
CA LEU A 496 -16.11 25.05 1.01
C LEU A 496 -15.79 26.48 1.45
N LEU A 497 -16.50 26.98 2.46
CA LEU A 497 -16.26 28.34 2.92
C LEU A 497 -14.94 28.47 3.69
N THR A 498 -14.50 27.39 4.34
CA THR A 498 -13.27 27.45 5.14
C THR A 498 -12.05 27.68 4.26
N LEU A 499 -11.96 26.97 3.15
CA LEU A 499 -10.80 27.09 2.27
C LEU A 499 -10.85 28.38 1.48
N TYR A 516 -18.54 24.33 19.54
CA TYR A 516 -17.45 23.92 18.66
C TYR A 516 -17.66 24.44 17.24
N MET A 517 -16.62 24.36 16.42
CA MET A 517 -16.73 24.80 15.03
C MET A 517 -17.75 23.99 14.22
N PRO A 518 -17.76 22.65 14.24
CA PRO A 518 -18.73 21.92 13.42
C PRO A 518 -20.18 22.10 13.84
N ILE A 519 -20.45 22.57 15.06
CA ILE A 519 -21.83 22.70 15.51
C ILE A 519 -22.53 23.91 14.90
N LEU A 520 -21.79 24.93 14.48
CA LEU A 520 -22.41 26.11 13.88
C LEU A 520 -23.14 25.82 12.58
N PRO A 521 -22.54 25.13 11.59
CA PRO A 521 -23.31 24.86 10.36
C PRO A 521 -24.56 24.04 10.59
N LEU A 522 -24.51 23.06 11.50
CA LEU A 522 -25.70 22.27 11.81
C LEU A 522 -26.79 23.15 12.43
N SER A 523 -26.41 24.05 13.33
CA SER A 523 -27.39 24.96 13.92
C SER A 523 -27.98 25.88 12.87
N ILE A 524 -27.16 26.38 11.95
CA ILE A 524 -27.67 27.25 10.90
C ILE A 524 -28.64 26.50 9.99
N TRP A 525 -28.29 25.27 9.60
CA TRP A 525 -29.18 24.49 8.75
C TRP A 525 -30.48 24.18 9.45
N ALA A 526 -30.42 23.81 10.73
CA ALA A 526 -31.64 23.54 11.48
C ALA A 526 -32.51 24.79 11.59
N ALA A 527 -31.88 25.94 11.85
CA ALA A 527 -32.63 27.18 11.97
C ALA A 527 -33.32 27.55 10.66
N VAL A 528 -32.60 27.44 9.54
CA VAL A 528 -33.21 27.83 8.26
C VAL A 528 -34.31 26.83 7.88
N LEU A 529 -34.10 25.55 8.16
CA LEU A 529 -35.15 24.57 7.86
C LEU A 529 -36.39 24.80 8.70
N CYS A 530 -36.22 25.08 10.01
CA CYS A 530 -37.37 25.33 10.86
C CYS A 530 -38.07 26.62 10.46
N GLY A 531 -37.31 27.65 10.07
CA GLY A 531 -37.93 28.87 9.58
C GLY A 531 -38.74 28.65 8.32
N GLY A 532 -38.21 27.84 7.39
CA GLY A 532 -38.96 27.54 6.19
C GLY A 532 -40.22 26.76 6.47
N VAL A 533 -40.14 25.78 7.37
CA VAL A 533 -41.32 25.01 7.74
C VAL A 533 -42.37 25.91 8.41
N GLY A 534 -41.92 26.81 9.29
CA GLY A 534 -42.85 27.72 9.94
C GLY A 534 -43.50 28.68 8.95
N TYR A 535 -42.73 29.18 7.99
CA TYR A 535 -43.30 30.06 6.97
C TYR A 535 -44.33 29.32 6.12
N SER A 536 -44.02 28.07 5.74
CA SER A 536 -44.98 27.28 4.97
C SER A 536 -46.25 27.03 5.77
N ILE A 537 -46.12 26.70 7.06
CA ILE A 537 -47.29 26.48 7.90
C ILE A 537 -48.11 27.76 8.03
N TYR A 538 -47.43 28.90 8.20
CA TYR A 538 -48.13 30.18 8.32
C TYR A 538 -48.92 30.48 7.05
N MET A 539 -48.27 30.33 5.88
CA MET A 539 -48.95 30.60 4.62
C MET A 539 -50.08 29.61 4.37
N ASP A 540 -49.96 28.37 4.86
CA ASP A 540 -51.04 27.41 4.69
C ASP A 540 -52.23 27.72 5.58
N CYS A 541 -51.99 28.12 6.83
CA CYS A 541 -53.09 28.45 7.72
C CYS A 541 -53.67 29.83 7.45
N GLN A 542 -52.98 30.66 6.66
CA GLN A 542 -53.56 31.94 6.27
C GLN A 542 -54.86 31.76 5.50
N ASN A 543 -54.88 30.81 4.57
CA ASN A 543 -56.12 30.50 3.85
C ASN A 543 -57.04 29.68 4.75
N ASP A 544 -58.34 29.98 4.67
CA ASP A 544 -59.32 29.26 5.47
C ASP A 544 -59.48 27.84 4.95
N TRP A 545 -59.40 26.87 5.85
CA TRP A 545 -59.51 25.46 5.47
C TRP A 545 -60.96 24.97 5.42
N SER A 546 -61.92 25.81 5.81
CA SER A 546 -63.32 25.42 5.73
C SER A 546 -63.82 25.34 4.29
N THR A 547 -63.06 25.88 3.34
CA THR A 547 -63.45 25.81 1.94
C THR A 547 -63.39 24.37 1.45
N PRO A 548 -64.23 23.99 0.49
CA PRO A 548 -64.26 22.60 0.03
C PRO A 548 -63.13 22.21 -0.92
N GLU A 549 -62.17 23.10 -1.15
CA GLU A 549 -61.00 22.79 -1.95
C GLU A 549 -59.81 22.35 -1.11
N LYS A 550 -59.96 22.27 0.21
CA LYS A 550 -58.90 21.88 1.11
C LYS A 550 -59.10 20.53 1.76
N GLN A 551 -60.31 19.97 1.70
CA GLN A 551 -60.57 18.67 2.32
C GLN A 551 -59.75 17.57 1.66
N LYS A 552 -59.69 17.56 0.32
CA LYS A 552 -58.91 16.56 -0.39
C LYS A 552 -57.42 16.71 -0.09
N GLU A 553 -56.93 17.95 -0.03
CA GLU A 553 -55.53 18.19 0.31
C GLU A 553 -55.22 17.68 1.72
N MET A 554 -56.11 17.96 2.68
CA MET A 554 -55.89 17.49 4.04
C MET A 554 -55.92 15.96 4.11
N TYR A 555 -56.83 15.33 3.38
CA TYR A 555 -56.89 13.87 3.37
C TYR A 555 -55.61 13.28 2.79
N HIS A 556 -55.14 13.83 1.67
CA HIS A 556 -53.91 13.34 1.06
C HIS A 556 -52.72 13.55 1.98
N LEU A 557 -52.65 14.70 2.64
CA LEU A 557 -51.55 14.98 3.56
C LEU A 557 -51.57 14.01 4.74
N LEU A 558 -52.76 13.73 5.29
CA LEU A 558 -52.86 12.82 6.41
C LEU A 558 -52.45 11.40 6.00
N TYR A 559 -52.90 10.95 4.83
CA TYR A 559 -52.53 9.62 4.36
C TYR A 559 -51.02 9.53 4.12
N GLY A 560 -50.43 10.55 3.50
CA GLY A 560 -49.00 10.55 3.29
C GLY A 560 -48.22 10.56 4.60
N CYS A 561 -48.69 11.34 5.57
CA CYS A 561 -48.00 11.39 6.86
C CYS A 561 -48.09 10.05 7.59
N VAL A 562 -49.26 9.41 7.57
CA VAL A 562 -49.38 8.12 8.24
C VAL A 562 -48.56 7.06 7.54
N GLY A 563 -48.48 7.11 6.21
CA GLY A 563 -47.61 6.19 5.49
C GLY A 563 -46.15 6.41 5.82
N TYR A 564 -45.72 7.68 5.92
CA TYR A 564 -44.35 7.98 6.30
C TYR A 564 -44.04 7.48 7.71
N VAL A 565 -44.99 7.68 8.64
CA VAL A 565 -44.78 7.22 10.01
C VAL A 565 -44.67 5.70 10.05
N MET A 566 -45.53 5.00 9.32
CA MET A 566 -45.46 3.54 9.29
C MET A 566 -44.15 3.06 8.68
N TYR A 567 -43.70 3.72 7.60
CA TYR A 567 -42.45 3.34 6.98
C TYR A 567 -41.27 3.54 7.92
N TRP A 568 -41.24 4.68 8.62
CA TRP A 568 -40.17 4.94 9.57
C TRP A 568 -40.20 3.94 10.73
N VAL A 569 -41.41 3.59 11.19
CA VAL A 569 -41.54 2.62 12.28
C VAL A 569 -41.01 1.26 11.83
N ILE A 570 -41.34 0.84 10.61
CA ILE A 570 -40.84 -0.43 10.09
C ILE A 570 -39.33 -0.39 9.96
N MET A 571 -38.79 0.73 9.47
CA MET A 571 -37.34 0.90 9.36
C MET A 571 -36.67 0.71 10.71
N ALA A 572 -37.14 1.43 11.72
CA ALA A 572 -36.54 1.34 13.05
C ALA A 572 -36.71 -0.05 13.66
N VAL A 573 -37.87 -0.67 13.44
CA VAL A 573 -38.13 -1.99 14.01
C VAL A 573 -37.16 -3.02 13.41
N MET A 574 -36.98 -3.00 12.09
CA MET A 574 -36.07 -3.96 11.49
C MET A 574 -34.62 -3.67 11.86
N TYR A 575 -34.27 -2.38 12.00
CA TYR A 575 -32.95 -2.02 12.51
C TYR A 575 -32.70 -2.64 13.87
N TRP A 576 -33.64 -2.45 14.80
CA TRP A 576 -33.47 -2.98 16.15
C TRP A 576 -33.47 -4.50 16.16
N VAL A 577 -34.28 -5.13 15.30
CA VAL A 577 -34.30 -6.59 15.23
C VAL A 577 -32.95 -7.11 14.74
N TRP A 578 -32.40 -6.49 13.69
CA TRP A 578 -31.14 -6.96 13.13
C TRP A 578 -29.94 -6.60 14.00
N VAL A 579 -30.04 -5.60 14.86
CA VAL A 579 -28.94 -5.20 15.72
C VAL A 579 -28.95 -5.97 17.04
N LYS A 580 -30.12 -6.06 17.70
CA LYS A 580 -30.20 -6.73 18.98
C LYS A 580 -29.88 -8.22 18.86
N ARG A 581 -30.40 -8.88 17.82
CA ARG A 581 -30.11 -10.29 17.60
C ARG A 581 -28.74 -10.49 16.97
N SER B 3 25.87 -12.40 18.18
CA SER B 3 26.04 -12.70 19.59
C SER B 3 26.40 -14.17 19.80
N GLU B 4 25.49 -15.06 19.41
CA GLU B 4 25.70 -16.49 19.54
C GLU B 4 25.46 -17.24 18.23
N VAL B 5 25.32 -16.52 17.11
CA VAL B 5 25.06 -17.17 15.83
C VAL B 5 26.28 -17.98 15.41
N GLN B 6 26.06 -19.25 15.06
CA GLN B 6 27.13 -20.11 14.62
C GLN B 6 26.58 -21.13 13.63
N LEU B 7 27.46 -21.67 12.79
CA LEU B 7 27.11 -22.69 11.82
C LEU B 7 28.20 -23.76 11.82
N VAL B 8 27.82 -25.00 12.13
CA VAL B 8 28.77 -26.11 12.19
C VAL B 8 28.33 -27.15 11.18
N GLU B 9 29.20 -27.48 10.24
CA GLU B 9 28.89 -28.45 9.21
C GLU B 9 29.81 -29.67 9.28
N SER B 10 29.25 -30.82 8.93
CA SER B 10 29.96 -32.08 8.96
C SER B 10 29.50 -32.92 7.76
N GLY B 11 30.00 -34.15 7.68
CA GLY B 11 29.76 -35.03 6.58
C GLY B 11 30.93 -35.19 5.62
N GLY B 12 31.94 -34.33 5.75
CA GLY B 12 33.11 -34.45 4.88
C GLY B 12 33.90 -35.71 5.19
N GLY B 13 34.62 -36.19 4.19
CA GLY B 13 35.40 -37.41 4.35
C GLY B 13 35.97 -37.84 3.02
N LEU B 14 36.50 -39.06 3.01
CA LEU B 14 37.11 -39.65 1.83
C LEU B 14 36.14 -40.65 1.22
N VAL B 15 35.84 -40.47 -0.07
CA VAL B 15 34.90 -41.34 -0.77
C VAL B 15 35.49 -41.75 -2.12
N GLN B 16 35.02 -42.88 -2.63
CA GLN B 16 35.43 -43.34 -3.94
C GLN B 16 34.86 -42.42 -5.01
N PRO B 17 35.60 -42.17 -6.10
CA PRO B 17 35.04 -41.39 -7.20
C PRO B 17 33.78 -42.05 -7.77
N GLY B 18 32.81 -41.22 -8.12
CA GLY B 18 31.53 -41.72 -8.58
C GLY B 18 30.58 -42.14 -7.49
N GLY B 19 30.92 -41.91 -6.23
CA GLY B 19 30.08 -42.29 -5.10
C GLY B 19 29.09 -41.21 -4.73
N SER B 20 28.69 -41.22 -3.45
CA SER B 20 27.70 -40.28 -2.95
C SER B 20 28.17 -39.71 -1.61
N LEU B 21 27.72 -38.49 -1.32
CA LEU B 21 28.02 -37.84 -0.07
C LEU B 21 26.86 -36.94 0.33
N ARG B 22 26.80 -36.62 1.62
CA ARG B 22 25.70 -35.82 2.17
C ARG B 22 26.26 -34.94 3.28
N LEU B 23 26.59 -33.70 2.93
CA LEU B 23 27.07 -32.74 3.93
C LEU B 23 25.88 -32.08 4.61
N SER B 24 26.06 -31.73 5.89
CA SER B 24 24.98 -31.15 6.67
C SER B 24 25.54 -30.05 7.56
N CYS B 25 24.98 -28.85 7.46
CA CYS B 25 25.36 -27.73 8.31
C CYS B 25 24.18 -27.38 9.22
N ALA B 26 24.43 -27.42 10.53
CA ALA B 26 23.45 -27.06 11.54
C ALA B 26 23.75 -25.67 12.09
N ALA B 27 22.69 -24.88 12.25
CA ALA B 27 22.81 -23.50 12.70
C ALA B 27 22.35 -23.38 14.15
N SER B 28 22.96 -22.43 14.86
CA SER B 28 22.63 -22.15 16.26
C SER B 28 22.53 -20.64 16.45
N GLY B 29 21.53 -20.23 17.22
CA GLY B 29 21.29 -18.82 17.47
C GLY B 29 20.33 -18.15 16.51
N PHE B 30 19.91 -18.83 15.45
CA PHE B 30 18.96 -18.25 14.51
C PHE B 30 18.25 -19.38 13.77
N ASN B 31 17.15 -19.02 13.12
CA ASN B 31 16.36 -19.97 12.34
C ASN B 31 16.70 -19.81 10.86
N VAL B 32 16.92 -20.94 10.18
CA VAL B 32 17.25 -20.91 8.77
C VAL B 32 16.07 -20.51 7.91
N SER B 33 14.88 -20.40 8.50
CA SER B 33 13.69 -20.07 7.66
C SER B 33 13.69 -18.58 7.30
N SER B 34 14.27 -17.74 8.15
CA SER B 34 14.29 -16.30 7.90
C SER B 34 15.59 -15.83 7.24
N TYR B 35 16.51 -16.72 6.92
CA TYR B 35 17.79 -16.35 6.34
C TYR B 35 18.13 -17.28 5.19
N TYR B 36 18.93 -16.77 4.26
CA TYR B 36 19.45 -17.56 3.16
C TYR B 36 20.60 -18.44 3.62
N ILE B 37 20.72 -19.61 2.98
CA ILE B 37 21.81 -20.56 3.28
C ILE B 37 22.50 -20.89 1.96
N HIS B 38 23.82 -20.73 1.94
CA HIS B 38 24.62 -20.97 0.74
C HIS B 38 25.76 -21.92 1.06
N TRP B 39 26.19 -22.67 0.04
CA TRP B 39 27.31 -23.58 0.14
C TRP B 39 28.44 -23.06 -0.75
N VAL B 40 29.62 -22.87 -0.16
CA VAL B 40 30.78 -22.33 -0.85
C VAL B 40 31.90 -23.35 -0.78
N ARG B 41 32.50 -23.64 -1.94
CA ARG B 41 33.59 -24.60 -2.04
C ARG B 41 34.88 -23.88 -2.40
N GLN B 42 35.96 -24.21 -1.68
CA GLN B 42 37.27 -23.62 -1.92
C GLN B 42 38.25 -24.76 -2.21
N ALA B 43 38.65 -24.88 -3.47
CA ALA B 43 39.61 -25.90 -3.85
C ALA B 43 40.98 -25.57 -3.26
N PRO B 44 41.79 -26.60 -2.98
CA PRO B 44 43.12 -26.35 -2.42
C PRO B 44 43.98 -25.54 -3.37
N GLY B 45 44.48 -24.40 -2.87
CA GLY B 45 45.30 -23.53 -3.66
C GLY B 45 44.56 -22.59 -4.58
N LYS B 46 43.23 -22.58 -4.56
CA LYS B 46 42.43 -21.72 -5.40
C LYS B 46 41.41 -20.97 -4.55
N GLY B 47 40.72 -20.02 -5.18
CA GLY B 47 39.78 -19.17 -4.47
C GLY B 47 38.44 -19.83 -4.22
N LEU B 48 37.57 -19.08 -3.54
CA LEU B 48 36.25 -19.58 -3.21
C LEU B 48 35.39 -19.71 -4.46
N GLU B 49 34.56 -20.75 -4.49
CA GLU B 49 33.63 -20.99 -5.58
C GLU B 49 32.25 -21.30 -5.02
N TRP B 50 31.22 -20.70 -5.61
CA TRP B 50 29.86 -20.93 -5.17
C TRP B 50 29.32 -22.23 -5.73
N VAL B 51 28.56 -22.96 -4.92
CA VAL B 51 28.01 -24.26 -5.29
C VAL B 51 26.49 -24.21 -5.40
N ALA B 52 25.79 -23.89 -4.32
CA ALA B 52 24.35 -23.87 -4.31
C ALA B 52 23.84 -22.94 -3.23
N SER B 53 22.59 -22.52 -3.37
CA SER B 53 21.94 -21.64 -2.40
C SER B 53 20.47 -22.03 -2.29
N ILE B 54 19.94 -21.96 -1.08
CA ILE B 54 18.55 -22.32 -0.83
C ILE B 54 17.96 -21.35 0.19
N SER B 55 16.68 -21.06 0.04
CA SER B 55 15.91 -20.26 0.99
C SER B 55 14.71 -21.10 1.42
N SER B 56 14.77 -21.61 2.65
CA SER B 56 13.68 -22.44 3.14
C SER B 56 12.42 -21.60 3.36
N SER B 57 11.29 -22.30 3.46
CA SER B 57 9.94 -21.74 3.53
C SER B 57 9.52 -21.05 2.24
N SER B 58 10.36 -21.11 1.20
CA SER B 58 10.02 -20.55 -0.10
C SER B 58 10.29 -21.48 -1.27
N GLY B 59 11.18 -22.47 -1.12
CA GLY B 59 11.45 -23.41 -2.18
C GLY B 59 12.39 -22.90 -3.27
N SER B 60 13.02 -21.75 -3.07
CA SER B 60 13.92 -21.19 -4.07
C SER B 60 15.30 -21.81 -3.92
N THR B 61 15.69 -22.65 -4.88
CA THR B 61 16.98 -23.30 -4.90
C THR B 61 17.72 -22.94 -6.18
N SER B 62 19.02 -22.68 -6.05
CA SER B 62 19.86 -22.34 -7.19
C SER B 62 21.14 -23.16 -7.15
N TYR B 63 21.67 -23.45 -8.34
CA TYR B 63 22.89 -24.24 -8.47
C TYR B 63 23.78 -23.62 -9.53
N ALA B 64 25.08 -23.92 -9.43
CA ALA B 64 26.04 -23.44 -10.40
C ALA B 64 25.92 -24.24 -11.70
N ASP B 65 26.53 -23.71 -12.77
CA ASP B 65 26.48 -24.37 -14.06
C ASP B 65 27.19 -25.72 -14.02
N SER B 66 28.34 -25.79 -13.34
CA SER B 66 29.07 -27.05 -13.20
C SER B 66 28.57 -27.89 -12.04
N VAL B 67 27.60 -27.40 -11.28
CA VAL B 67 27.08 -28.12 -10.11
C VAL B 67 25.74 -28.73 -10.48
N LYS B 68 24.98 -28.05 -11.34
CA LYS B 68 23.65 -28.51 -11.71
C LYS B 68 23.72 -29.87 -12.40
N GLY B 69 22.70 -30.70 -12.13
CA GLY B 69 22.62 -32.03 -12.69
C GLY B 69 23.20 -33.13 -11.83
N ARG B 70 23.95 -32.78 -10.79
CA ARG B 70 24.54 -33.77 -9.90
C ARG B 70 24.34 -33.48 -8.42
N PHE B 71 24.02 -32.25 -8.04
CA PHE B 71 23.91 -31.86 -6.64
C PHE B 71 22.47 -31.48 -6.32
N THR B 72 22.09 -31.71 -5.06
CA THR B 72 20.77 -31.35 -4.56
C THR B 72 20.94 -30.63 -3.23
N ILE B 73 20.09 -29.64 -2.97
CA ILE B 73 20.14 -28.86 -1.74
C ILE B 73 18.77 -28.90 -1.09
N SER B 74 18.75 -29.02 0.24
CA SER B 74 17.50 -29.07 0.98
C SER B 74 17.72 -28.47 2.36
N ALA B 75 16.62 -28.13 3.03
CA ALA B 75 16.67 -27.60 4.38
C ALA B 75 15.56 -28.24 5.20
N ASP B 76 15.84 -28.40 6.51
CA ASP B 76 14.84 -29.00 7.44
C ASP B 76 14.70 -28.09 8.66
N THR B 77 13.56 -27.42 8.81
CA THR B 77 13.34 -26.48 9.90
C THR B 77 13.21 -27.18 11.25
N SER B 78 12.64 -28.39 11.26
CA SER B 78 12.52 -29.12 12.52
C SER B 78 13.88 -29.40 13.14
N LYS B 79 14.84 -29.84 12.33
CA LYS B 79 16.21 -30.01 12.78
C LYS B 79 17.06 -28.76 12.58
N ASN B 80 16.52 -27.73 11.90
CA ASN B 80 17.24 -26.48 11.65
C ASN B 80 18.59 -26.74 10.98
N THR B 81 18.58 -27.62 9.99
CA THR B 81 19.82 -28.06 9.35
C THR B 81 19.66 -28.03 7.84
N ALA B 82 20.70 -27.57 7.15
CA ALA B 82 20.73 -27.53 5.69
C ALA B 82 21.61 -28.64 5.17
N TYR B 83 21.07 -29.44 4.25
CA TYR B 83 21.75 -30.61 3.71
C TYR B 83 22.06 -30.40 2.24
N LEU B 84 23.23 -30.90 1.83
CA LEU B 84 23.67 -30.86 0.43
C LEU B 84 24.09 -32.27 0.05
N GLN B 85 23.38 -32.85 -0.93
CA GLN B 85 23.64 -34.21 -1.40
C GLN B 85 24.36 -34.15 -2.74
N MET B 86 25.44 -34.92 -2.86
CA MET B 86 26.22 -35.00 -4.09
C MET B 86 26.31 -36.44 -4.53
N ASN B 87 26.10 -36.64 -5.83
CA ASN B 87 26.16 -37.99 -6.41
C ASN B 87 26.95 -37.92 -7.71
N SER B 88 27.53 -39.04 -8.15
CA SER B 88 28.34 -39.12 -9.37
C SER B 88 29.46 -38.08 -9.35
N LEU B 89 30.15 -38.02 -8.22
CA LEU B 89 31.22 -37.05 -8.03
C LEU B 89 32.38 -37.33 -8.98
N ARG B 90 33.04 -36.26 -9.41
CA ARG B 90 34.17 -36.33 -10.32
C ARG B 90 35.46 -36.02 -9.56
N ALA B 91 36.57 -36.05 -10.30
CA ALA B 91 37.87 -35.81 -9.68
C ALA B 91 37.98 -34.38 -9.14
N GLU B 92 37.45 -33.41 -9.89
CA GLU B 92 37.56 -32.01 -9.49
C GLU B 92 36.47 -31.63 -8.49
N ASP B 93 36.34 -32.41 -7.41
CA ASP B 93 35.41 -32.11 -6.34
C ASP B 93 36.04 -32.14 -4.96
N THR B 94 37.33 -32.44 -4.87
CA THR B 94 38.02 -32.46 -3.57
C THR B 94 38.35 -31.04 -3.15
N ALA B 95 37.69 -30.56 -2.11
CA ALA B 95 37.84 -29.19 -1.65
C ALA B 95 37.25 -29.08 -0.24
N VAL B 96 37.14 -27.85 0.25
CA VAL B 96 36.58 -27.56 1.57
C VAL B 96 35.26 -26.83 1.35
N TYR B 97 34.18 -27.35 1.95
CA TYR B 97 32.85 -26.83 1.74
C TYR B 97 32.43 -25.99 2.94
N TYR B 98 31.99 -24.76 2.69
CA TYR B 98 31.55 -23.85 3.73
C TYR B 98 30.05 -23.62 3.64
N CYS B 99 29.38 -23.64 4.79
CA CYS B 99 27.97 -23.30 4.88
C CYS B 99 27.87 -21.94 5.56
N ALA B 100 27.35 -20.96 4.82
CA ALA B 100 27.29 -19.57 5.29
C ALA B 100 25.88 -19.03 5.16
N ARG B 101 25.49 -18.20 6.12
CA ARG B 101 24.19 -17.56 6.13
C ARG B 101 24.28 -16.15 5.58
N SER B 102 23.14 -15.61 5.19
CA SER B 102 23.04 -14.26 4.67
C SER B 102 21.60 -13.79 4.78
N GLY B 103 21.36 -12.56 4.32
CA GLY B 103 20.03 -11.98 4.32
C GLY B 103 19.30 -12.22 3.02
N TYR B 104 18.41 -11.29 2.68
CA TYR B 104 17.63 -11.36 1.45
C TYR B 104 18.22 -10.43 0.41
N TYR B 105 17.81 -10.63 -0.85
CA TYR B 105 18.41 -9.93 -1.97
C TYR B 105 17.76 -8.58 -2.24
N TRP B 106 16.43 -8.50 -2.16
CA TRP B 106 15.69 -7.26 -2.43
C TRP B 106 16.10 -6.66 -3.78
N GLY B 107 16.67 -5.45 -3.74
CA GLY B 107 17.16 -4.81 -4.93
C GLY B 107 18.67 -4.91 -5.06
N PRO B 108 19.34 -3.75 -5.15
CA PRO B 108 20.80 -3.77 -5.27
C PRO B 108 21.51 -3.81 -3.92
N TYR B 109 20.76 -4.05 -2.84
CA TYR B 109 21.32 -4.14 -1.50
C TYR B 109 21.08 -5.54 -0.97
N PHE B 110 22.18 -6.22 -0.62
CA PHE B 110 22.12 -7.63 -0.19
C PHE B 110 22.47 -7.80 1.27
N GLY B 111 23.64 -7.33 1.70
CA GLY B 111 24.11 -7.50 3.07
C GLY B 111 25.32 -8.39 3.21
N GLY B 112 25.67 -9.17 2.19
CA GLY B 112 26.87 -9.97 2.22
C GLY B 112 26.69 -11.28 2.95
N PHE B 113 27.74 -12.12 2.88
CA PHE B 113 27.76 -13.42 3.54
C PHE B 113 28.37 -13.23 4.92
N ASP B 114 27.52 -13.21 5.93
CA ASP B 114 27.97 -13.03 7.31
C ASP B 114 27.90 -14.34 8.08
N TYR B 115 28.72 -14.44 9.12
CA TYR B 115 28.74 -15.58 10.04
C TYR B 115 29.05 -16.88 9.28
N TRP B 116 30.25 -16.93 8.73
CA TRP B 116 30.73 -18.12 8.06
C TRP B 116 31.05 -19.22 9.08
N GLY B 117 31.23 -20.43 8.57
CA GLY B 117 31.59 -21.56 9.41
C GLY B 117 32.81 -22.27 8.89
N GLN B 118 33.53 -22.91 9.81
CA GLN B 118 34.74 -23.64 9.45
C GLN B 118 34.39 -24.87 8.63
N GLY B 119 35.03 -25.02 7.47
CA GLY B 119 34.67 -26.05 6.53
C GLY B 119 35.15 -27.44 6.90
N THR B 120 34.76 -28.40 6.06
CA THR B 120 35.14 -29.79 6.22
C THR B 120 35.79 -30.29 4.94
N LEU B 121 36.71 -31.25 5.08
CA LEU B 121 37.47 -31.73 3.94
C LEU B 121 36.73 -32.85 3.22
N VAL B 122 36.69 -32.76 1.90
CA VAL B 122 36.11 -33.79 1.04
C VAL B 122 37.19 -34.28 0.10
N THR B 123 37.36 -35.60 0.03
CA THR B 123 38.41 -36.22 -0.79
C THR B 123 37.75 -37.25 -1.72
N VAL B 124 37.51 -36.86 -2.96
CA VAL B 124 36.95 -37.76 -3.97
C VAL B 124 38.14 -38.25 -4.80
N SER B 125 38.72 -39.38 -4.36
CA SER B 125 39.88 -39.94 -5.02
C SER B 125 39.99 -41.41 -4.63
N SER B 126 40.87 -42.13 -5.32
CA SER B 126 41.09 -43.54 -5.04
C SER B 126 42.49 -43.78 -4.52
N ILE C 3 29.05 -12.12 -16.85
CA ILE C 3 28.93 -13.49 -16.33
C ILE C 3 30.22 -13.88 -15.60
N GLN C 4 31.27 -13.08 -15.79
CA GLN C 4 32.56 -13.32 -15.16
C GLN C 4 33.08 -12.03 -14.55
N MET C 5 34.00 -12.18 -13.60
CA MET C 5 34.53 -11.05 -12.84
C MET C 5 36.06 -11.09 -12.90
N THR C 6 36.67 -9.93 -12.70
CA THR C 6 38.12 -9.81 -12.78
C THR C 6 38.61 -8.91 -11.65
N GLN C 7 39.41 -9.45 -10.75
CA GLN C 7 40.08 -8.66 -9.71
C GLN C 7 41.41 -8.21 -10.29
N SER C 8 41.49 -6.92 -10.64
CA SER C 8 42.62 -6.45 -11.44
C SER C 8 43.97 -6.60 -10.75
N PRO C 9 44.16 -6.21 -9.49
CA PRO C 9 45.53 -6.31 -8.92
C PRO C 9 46.05 -7.74 -8.85
N SER C 10 45.32 -8.64 -8.18
CA SER C 10 45.65 -10.06 -8.08
C SER C 10 46.91 -10.30 -7.26
N SER C 11 47.57 -9.22 -6.81
CA SER C 11 48.79 -9.30 -6.02
C SER C 11 49.12 -7.90 -5.53
N LEU C 12 49.72 -7.84 -4.34
CA LEU C 12 50.06 -6.55 -3.74
C LEU C 12 51.14 -6.78 -2.69
N SER C 13 52.06 -5.81 -2.60
CA SER C 13 53.14 -5.88 -1.62
C SER C 13 53.49 -4.44 -1.24
N ALA C 14 52.99 -3.99 -0.08
CA ALA C 14 53.22 -2.64 0.39
C ALA C 14 53.57 -2.68 1.87
N SER C 15 54.25 -1.63 2.33
CA SER C 15 54.65 -1.52 3.72
C SER C 15 53.48 -1.08 4.58
N VAL C 16 53.71 -1.05 5.90
CA VAL C 16 52.66 -0.65 6.82
C VAL C 16 52.39 0.84 6.68
N GLY C 17 51.15 1.23 6.99
CA GLY C 17 50.76 2.63 6.90
C GLY C 17 50.72 3.16 5.49
N ASP C 18 50.54 2.30 4.49
CA ASP C 18 50.51 2.69 3.09
C ASP C 18 49.11 2.38 2.57
N ARG C 19 48.47 3.37 1.96
CA ARG C 19 47.13 3.18 1.43
C ARG C 19 47.16 2.28 0.20
N VAL C 20 46.32 1.26 0.20
CA VAL C 20 46.25 0.30 -0.90
C VAL C 20 44.84 0.30 -1.46
N THR C 21 44.72 -0.03 -2.74
CA THR C 21 43.45 -0.05 -3.45
C THR C 21 43.33 -1.33 -4.25
N ILE C 22 42.20 -2.01 -4.10
CA ILE C 22 41.89 -3.23 -4.85
C ILE C 22 40.68 -2.95 -5.71
N THR C 23 40.80 -3.20 -7.02
CA THR C 23 39.74 -2.91 -7.96
C THR C 23 39.19 -4.19 -8.58
N CYS C 24 37.86 -4.22 -8.72
CA CYS C 24 37.12 -5.38 -9.18
C CYS C 24 36.20 -4.96 -10.31
N ARG C 25 36.25 -5.68 -11.43
CA ARG C 25 35.46 -5.38 -12.60
C ARG C 25 34.44 -6.49 -12.83
N ALA C 26 33.18 -6.11 -12.98
CA ALA C 26 32.09 -7.06 -13.23
C ALA C 26 31.48 -6.78 -14.59
N SER C 27 31.13 -7.86 -15.30
CA SER C 27 30.54 -7.71 -16.62
C SER C 27 29.19 -7.01 -16.56
N GLN C 28 28.35 -7.38 -15.58
CA GLN C 28 27.04 -6.77 -15.42
C GLN C 28 26.80 -6.43 -13.96
N SER C 29 26.22 -5.25 -13.73
CA SER C 29 25.90 -4.78 -12.38
C SER C 29 24.52 -4.13 -12.38
N VAL C 30 23.55 -4.78 -13.03
CA VAL C 30 22.22 -4.20 -13.17
C VAL C 30 21.47 -4.24 -11.84
N SER C 31 21.25 -5.43 -11.31
CA SER C 31 20.49 -5.63 -10.08
C SER C 31 21.21 -6.60 -9.15
N SER C 32 22.51 -6.39 -8.98
CA SER C 32 23.34 -7.25 -8.15
C SER C 32 24.19 -6.41 -7.22
N ALA C 33 24.46 -6.93 -6.02
CA ALA C 33 25.24 -6.24 -5.02
C ALA C 33 26.65 -6.83 -4.97
N VAL C 34 27.63 -5.97 -4.68
CA VAL C 34 29.03 -6.35 -4.62
C VAL C 34 29.50 -6.27 -3.18
N ALA C 35 30.15 -7.32 -2.70
CA ALA C 35 30.64 -7.40 -1.34
C ALA C 35 32.12 -7.74 -1.33
N TRP C 36 32.81 -7.26 -0.30
CA TRP C 36 34.23 -7.46 -0.12
C TRP C 36 34.47 -8.24 1.18
N TYR C 37 35.14 -9.38 1.06
CA TYR C 37 35.45 -10.26 2.18
C TYR C 37 36.96 -10.37 2.36
N GLN C 38 37.37 -10.71 3.58
CA GLN C 38 38.77 -10.93 3.91
C GLN C 38 38.93 -12.32 4.51
N GLN C 39 39.90 -13.07 4.00
CA GLN C 39 40.17 -14.43 4.47
C GLN C 39 41.66 -14.57 4.76
N LYS C 40 41.97 -15.06 5.96
CA LYS C 40 43.32 -15.42 6.37
C LYS C 40 43.53 -16.92 6.19
N PRO C 41 44.77 -17.35 5.96
CA PRO C 41 45.02 -18.79 5.74
C PRO C 41 44.58 -19.61 6.94
N GLY C 42 43.94 -20.73 6.66
CA GLY C 42 43.47 -21.64 7.69
C GLY C 42 42.17 -21.25 8.36
N LYS C 43 41.55 -20.14 7.96
CA LYS C 43 40.32 -19.66 8.58
C LYS C 43 39.31 -19.29 7.52
N ALA C 44 38.03 -19.29 7.91
CA ALA C 44 36.96 -18.93 7.00
C ALA C 44 37.02 -17.43 6.67
N PRO C 45 36.52 -17.03 5.50
CA PRO C 45 36.53 -15.62 5.15
C PRO C 45 35.67 -14.79 6.09
N LYS C 46 36.09 -13.54 6.28
CA LYS C 46 35.38 -12.59 7.14
C LYS C 46 34.87 -11.44 6.29
N LEU C 47 33.59 -11.12 6.43
CA LEU C 47 32.98 -10.05 5.65
C LEU C 47 33.50 -8.70 6.12
N LEU C 48 33.78 -7.79 5.17
CA LEU C 48 34.28 -6.42 5.53
C LEU C 48 33.25 -5.35 5.14
N ILE C 49 32.95 -5.20 3.86
CA ILE C 49 32.04 -4.10 3.38
C ILE C 49 30.90 -4.69 2.57
N TYR C 50 29.65 -4.35 2.90
CA TYR C 50 28.48 -4.94 2.20
C TYR C 50 27.85 -3.91 1.26
N SER C 51 27.05 -4.38 0.30
CA SER C 51 26.33 -3.48 -0.64
C SER C 51 27.25 -2.40 -1.21
N ALA C 52 28.43 -2.77 -1.73
CA ALA C 52 29.37 -1.83 -2.42
C ALA C 52 30.06 -0.86 -1.45
N SER C 53 29.32 -0.05 -0.70
CA SER C 53 29.98 0.99 0.12
C SER C 53 29.72 0.83 1.61
N SER C 54 28.64 0.17 2.00
CA SER C 54 28.29 0.08 3.45
C SER C 54 29.35 -0.74 4.20
N LEU C 55 29.67 -0.34 5.43
CA LEU C 55 30.72 -1.03 6.21
C LEU C 55 30.07 -1.94 7.24
N TYR C 56 30.59 -3.16 7.40
CA TYR C 56 30.03 -4.13 8.34
C TYR C 56 30.39 -3.76 9.77
N SER C 57 29.54 -4.18 10.71
CA SER C 57 29.77 -3.88 12.12
C SER C 57 31.01 -4.62 12.61
N GLY C 58 31.85 -3.90 13.37
CA GLY C 58 33.06 -4.45 13.92
C GLY C 58 34.31 -4.21 13.08
N VAL C 59 34.14 -3.87 11.81
CA VAL C 59 35.30 -3.60 10.94
C VAL C 59 35.89 -2.25 11.33
N PRO C 60 37.22 -2.13 11.46
CA PRO C 60 37.81 -0.84 11.77
C PRO C 60 37.53 0.18 10.67
N SER C 61 37.44 1.45 11.08
CA SER C 61 37.09 2.54 10.17
C SER C 61 38.29 2.93 9.30
N ARG C 62 38.77 1.95 8.54
CA ARG C 62 39.83 2.17 7.57
C ARG C 62 39.58 1.51 6.22
N PHE C 63 38.53 0.71 6.08
CA PHE C 63 38.18 0.08 4.82
C PHE C 63 37.06 0.90 4.18
N SER C 64 37.31 1.41 2.98
CA SER C 64 36.34 2.23 2.26
C SER C 64 35.98 1.55 0.95
N GLY C 65 34.68 1.37 0.72
CA GLY C 65 34.18 0.77 -0.51
C GLY C 65 33.50 1.82 -1.36
N SER C 66 33.77 1.77 -2.67
CA SER C 66 33.19 2.74 -3.59
C SER C 66 32.96 2.06 -4.94
N ARG C 67 32.12 2.68 -5.75
CA ARG C 67 31.81 2.18 -7.08
C ARG C 67 31.90 3.31 -8.10
N SER C 68 32.27 2.96 -9.32
CA SER C 68 32.38 3.92 -10.41
C SER C 68 31.76 3.34 -11.67
N GLY C 69 30.59 2.70 -11.51
CA GLY C 69 29.92 2.06 -12.62
C GLY C 69 30.12 0.56 -12.61
N THR C 70 30.97 0.07 -13.52
CA THR C 70 31.30 -1.35 -13.58
C THR C 70 32.50 -1.72 -12.73
N ASP C 71 33.14 -0.74 -12.09
CA ASP C 71 34.31 -0.97 -11.25
C ASP C 71 33.98 -0.70 -9.79
N PHE C 72 34.50 -1.56 -8.91
CA PHE C 72 34.31 -1.42 -7.47
C PHE C 72 35.67 -1.41 -6.80
N THR C 73 35.92 -0.42 -5.96
CA THR C 73 37.22 -0.22 -5.33
C THR C 73 37.11 -0.33 -3.83
N LEU C 74 38.02 -1.10 -3.23
CA LEU C 74 38.18 -1.19 -1.79
C LEU C 74 39.53 -0.60 -1.42
N THR C 75 39.53 0.38 -0.53
CA THR C 75 40.73 1.12 -0.17
C THR C 75 41.00 0.99 1.32
N ILE C 76 42.27 0.74 1.66
CA ILE C 76 42.75 0.71 3.04
C ILE C 76 43.69 1.89 3.20
N SER C 77 43.32 2.83 4.08
CA SER C 77 44.13 4.02 4.27
C SER C 77 45.48 3.70 4.88
N SER C 78 45.51 2.82 5.88
CA SER C 78 46.75 2.44 6.55
C SER C 78 46.80 0.92 6.65
N LEU C 79 47.96 0.35 6.29
CA LEU C 79 48.16 -1.09 6.36
C LEU C 79 48.55 -1.47 7.78
N GLN C 80 47.56 -1.79 8.60
CA GLN C 80 47.81 -2.26 9.95
C GLN C 80 48.44 -3.65 9.89
N PRO C 81 49.14 -4.07 10.96
CA PRO C 81 49.73 -5.41 10.96
C PRO C 81 48.73 -6.53 10.75
N GLU C 82 47.50 -6.38 11.23
CA GLU C 82 46.45 -7.38 11.04
C GLU C 82 45.61 -7.08 9.80
N ASP C 83 46.27 -6.82 8.68
CA ASP C 83 45.59 -6.50 7.43
C ASP C 83 46.11 -7.29 6.23
N PHE C 84 47.13 -8.11 6.40
CA PHE C 84 47.71 -8.87 5.29
C PHE C 84 46.97 -10.20 5.18
N ALA C 85 46.09 -10.29 4.20
CA ALA C 85 45.29 -11.49 3.96
C ALA C 85 44.84 -11.48 2.51
N THR C 86 43.89 -12.35 2.18
CA THR C 86 43.35 -12.46 0.83
C THR C 86 41.99 -11.77 0.78
N TYR C 87 41.85 -10.82 -0.14
CA TYR C 87 40.62 -10.05 -0.27
C TYR C 87 39.83 -10.55 -1.48
N TYR C 88 38.56 -10.84 -1.26
CA TYR C 88 37.69 -11.44 -2.27
C TYR C 88 36.54 -10.49 -2.60
N CYS C 89 36.24 -10.38 -3.89
CA CYS C 89 35.16 -9.56 -4.41
C CYS C 89 34.07 -10.46 -4.96
N GLN C 90 32.86 -10.33 -4.43
CA GLN C 90 31.77 -11.22 -4.78
C GLN C 90 30.58 -10.41 -5.27
N GLN C 91 30.02 -10.81 -6.41
CA GLN C 91 28.77 -10.24 -6.92
C GLN C 91 27.64 -11.21 -6.58
N SER C 92 26.71 -10.76 -5.74
CA SER C 92 25.65 -11.60 -5.24
C SER C 92 24.34 -11.27 -5.96
N SER C 93 23.67 -12.30 -6.46
CA SER C 93 22.39 -12.14 -7.14
C SER C 93 21.65 -13.45 -7.09
N SER C 94 20.35 -13.39 -7.40
CA SER C 94 19.53 -14.59 -7.40
C SER C 94 19.94 -15.51 -8.55
N SER C 95 20.02 -16.80 -8.25
CA SER C 95 20.29 -17.86 -9.23
C SER C 95 21.68 -17.74 -9.85
N LEU C 96 22.50 -16.82 -9.36
CA LEU C 96 23.86 -16.65 -9.88
C LEU C 96 24.70 -15.90 -8.86
N ILE C 97 25.72 -16.54 -8.33
CA ILE C 97 26.65 -15.91 -7.39
C ILE C 97 28.07 -16.20 -7.87
N THR C 98 28.86 -15.13 -8.02
CA THR C 98 30.23 -15.23 -8.50
C THR C 98 31.20 -14.68 -7.45
N PHE C 99 32.39 -15.26 -7.41
CA PHE C 99 33.43 -14.87 -6.46
C PHE C 99 34.68 -14.42 -7.21
N GLY C 100 35.47 -13.58 -6.54
CA GLY C 100 36.74 -13.14 -7.07
C GLY C 100 37.85 -14.13 -6.80
N GLN C 101 39.06 -13.75 -7.20
CA GLN C 101 40.23 -14.61 -7.05
C GLN C 101 41.47 -13.75 -6.83
N GLY C 102 42.49 -14.35 -6.23
CA GLY C 102 43.75 -13.68 -6.07
C GLY C 102 43.68 -12.55 -5.05
N THR C 103 44.39 -11.46 -5.36
CA THR C 103 44.49 -10.27 -4.50
C THR C 103 44.95 -10.63 -3.09
N LYS C 104 46.18 -11.12 -3.02
CA LYS C 104 46.84 -11.42 -1.75
C LYS C 104 47.84 -10.30 -1.45
N VAL C 105 47.70 -9.67 -0.28
CA VAL C 105 48.56 -8.55 0.10
C VAL C 105 49.74 -9.12 0.88
N GLU C 106 50.94 -8.99 0.31
CA GLU C 106 52.16 -9.46 0.94
C GLU C 106 52.80 -8.32 1.73
N ILE C 107 54.03 -8.53 2.18
CA ILE C 107 54.78 -7.53 2.96
C ILE C 107 56.13 -7.32 2.30
N LYS C 108 56.73 -6.16 2.60
CA LYS C 108 58.03 -5.82 2.07
C LYS C 108 58.76 -4.85 2.99
#